data_6JAT
#
_entry.id   6JAT
#
_cell.length_a   60.434
_cell.length_b   131.282
_cell.length_c   175.153
_cell.angle_alpha   90.000
_cell.angle_beta   90.000
_cell.angle_gamma   90.000
#
_symmetry.space_group_name_H-M   'P 21 21 21'
#
loop_
_entity.id
_entity.type
_entity.pdbx_description
1 polymer 'Histone-lysine N-methyltransferase setd3'
2 polymer 'Actin, gamma-enteric smooth muscle'
3 non-polymer SINEFUNGIN
4 non-polymer 'SULFATE ION'
5 non-polymer '4-(2-HYDROXYETHYL)-1-PIPERAZINE ETHANESULFONIC ACID'
6 water water
#
loop_
_entity_poly.entity_id
_entity_poly.type
_entity_poly.pdbx_seq_one_letter_code
_entity_poly.pdbx_strand_id
1 'polypeptide(L)'
;SMGKKSRVKTQKSGTGATATVSPKEILNLTSELLQKCSSPAPGPGKEWEEYVQIRTLVEKIRKKQKGLSVTFDGKREDYF
PDLMKWASENGASVEGFEMVNFKEEGFGLRATRDIKAEELFLWVPRKLLMTVESAKNSVLGPLYSQDRILQAMGNIALAF
HLLCERASPNSFWQPYIQTLPSEYDTPLYFEEDEVRYLQSTQAIHDVFSQYKNTARQYAYFYKVIQTHPHANKLPLKDSF
TYEDYRWAVSSVMTRQNQIPTEDGSRVTLALIPLWDMCNHTNGLITTGYNLEDDRCECVALQDFRAGEQIYIFYGTRSNA
EFVIHSGFFFDNNSHDRVKIKLGVSKSDRLYAMKAEVLARAGIPTSSVFALHFTEPPISAQLLAFLRVFCMTEEELKEHL
LGDSAIDRIFTLGNSEFPVSWDNEVKLWTFLEDRASLLLKTYKTTIEEDKSVLKNHDLSVRAKMAIKLRLGEKEILEKAV
KSAAVNREYYRQQMEEKAP
;
A,C
2 'polypeptide(L)' SKRGILTLKYPIEHGIITNWDD B,D
#
# COMPACT_ATOMS: atom_id res chain seq x y z
N SER A 22 15.61 -24.16 -20.12
CA SER A 22 15.10 -24.72 -21.38
C SER A 22 13.66 -25.20 -21.23
N PRO A 23 12.82 -24.96 -22.25
CA PRO A 23 11.43 -25.45 -22.19
C PRO A 23 11.33 -26.97 -22.08
N LYS A 24 12.39 -27.72 -22.42
CA LYS A 24 12.38 -29.16 -22.18
C LYS A 24 12.54 -29.48 -20.70
N GLU A 25 13.23 -28.62 -19.95
CA GLU A 25 13.31 -28.79 -18.50
C GLU A 25 12.00 -28.39 -17.83
N ILE A 26 11.32 -27.38 -18.36
CA ILE A 26 10.05 -26.95 -17.79
C ILE A 26 8.97 -28.00 -18.04
N LEU A 27 8.93 -28.57 -19.25
CA LEU A 27 7.96 -29.63 -19.53
C LEU A 27 8.17 -30.83 -18.63
N ASN A 28 9.42 -31.14 -18.30
CA ASN A 28 9.69 -32.20 -17.34
C ASN A 28 9.16 -31.83 -15.95
N LEU A 29 9.40 -30.59 -15.52
CA LEU A 29 8.96 -30.17 -14.19
C LEU A 29 7.45 -30.07 -14.06
N THR A 30 6.76 -29.68 -15.15
CA THR A 30 5.31 -29.57 -15.06
C THR A 30 4.65 -30.94 -15.04
N SER A 31 5.20 -31.91 -15.77
CA SER A 31 4.71 -33.28 -15.67
C SER A 31 4.87 -33.81 -14.24
N GLU A 32 6.00 -33.48 -13.60
CA GLU A 32 6.23 -33.88 -12.22
C GLU A 32 5.26 -33.20 -11.27
N LEU A 33 4.76 -32.00 -11.63
CA LEU A 33 3.80 -31.31 -10.78
C LEU A 33 2.38 -31.82 -10.99
N LEU A 34 1.99 -32.05 -12.24
CA LEU A 34 0.67 -32.60 -12.51
C LEU A 34 0.48 -33.94 -11.83
N GLN A 35 1.56 -34.72 -11.69
CA GLN A 35 1.46 -35.99 -10.97
C GLN A 35 1.17 -35.78 -9.49
N LYS A 36 1.97 -34.94 -8.84
CA LYS A 36 1.81 -34.72 -7.41
C LYS A 36 0.43 -34.18 -7.06
N CYS A 37 -0.21 -33.47 -7.98
CA CYS A 37 -1.52 -32.87 -7.75
C CYS A 37 -2.67 -33.75 -8.23
N SER A 38 -2.39 -34.90 -8.82
CA SER A 38 -3.43 -35.79 -9.32
C SER A 38 -3.66 -36.98 -8.42
N SER A 39 -2.87 -37.13 -7.35
CA SER A 39 -3.14 -38.13 -6.34
C SER A 39 -4.45 -37.77 -5.62
N PRO A 40 -5.01 -38.69 -4.81
CA PRO A 40 -6.20 -38.32 -4.04
C PRO A 40 -5.89 -37.35 -2.91
N ALA A 41 -6.87 -37.07 -2.05
CA ALA A 41 -6.61 -36.23 -0.89
C ALA A 41 -5.49 -36.86 -0.06
N PRO A 42 -4.64 -36.05 0.57
CA PRO A 42 -3.46 -36.61 1.23
C PRO A 42 -3.80 -37.47 2.43
N GLY A 43 -4.92 -37.19 3.10
CA GLY A 43 -5.32 -37.94 4.26
C GLY A 43 -5.77 -37.05 5.40
N PRO A 44 -5.59 -37.53 6.64
CA PRO A 44 -6.13 -36.81 7.81
C PRO A 44 -5.24 -35.66 8.25
N GLY A 45 -4.08 -35.99 8.80
CA GLY A 45 -3.14 -34.98 9.25
C GLY A 45 -1.91 -34.88 8.37
N LYS A 46 -2.11 -34.94 7.05
CA LYS A 46 -1.04 -34.80 6.10
C LYS A 46 -1.29 -33.67 5.11
N GLU A 47 -2.36 -32.91 5.28
CA GLU A 47 -2.71 -31.91 4.26
C GLU A 47 -1.78 -30.71 4.30
N TRP A 48 -1.22 -30.38 5.47
CA TRP A 48 -0.25 -29.29 5.52
C TRP A 48 1.05 -29.65 4.82
N GLU A 49 1.46 -30.92 4.88
CA GLU A 49 2.73 -31.27 4.24
C GLU A 49 2.54 -31.56 2.75
N GLU A 50 1.35 -32.02 2.34
CA GLU A 50 1.06 -32.08 0.91
C GLU A 50 1.19 -30.69 0.28
N TYR A 51 0.69 -29.66 0.99
CA TYR A 51 0.74 -28.31 0.46
C TYR A 51 2.17 -27.76 0.42
N VAL A 52 3.00 -28.11 1.41
CA VAL A 52 4.38 -27.65 1.41
C VAL A 52 5.17 -28.33 0.31
N GLN A 53 4.89 -29.61 0.04
CA GLN A 53 5.57 -30.29 -1.06
C GLN A 53 5.21 -29.66 -2.40
N ILE A 54 3.91 -29.41 -2.63
CA ILE A 54 3.47 -28.74 -3.85
C ILE A 54 4.06 -27.35 -3.95
N ARG A 55 4.06 -26.62 -2.83
CA ARG A 55 4.69 -25.30 -2.82
C ARG A 55 6.14 -25.37 -3.28
N THR A 56 6.88 -26.37 -2.79
CA THR A 56 8.29 -26.49 -3.16
C THR A 56 8.45 -26.65 -4.66
N LEU A 57 7.65 -27.53 -5.28
CA LEU A 57 7.78 -27.74 -6.71
C LEU A 57 7.37 -26.50 -7.49
N VAL A 58 6.32 -25.81 -7.04
CA VAL A 58 5.82 -24.62 -7.74
C VAL A 58 6.84 -23.49 -7.66
N GLU A 59 7.39 -23.26 -6.47
CA GLU A 59 8.36 -22.20 -6.30
C GLU A 59 9.61 -22.45 -7.13
N LYS A 60 10.02 -23.72 -7.26
CA LYS A 60 11.14 -24.04 -8.13
C LYS A 60 10.85 -23.66 -9.57
N ILE A 61 9.65 -23.96 -10.05
CA ILE A 61 9.27 -23.63 -11.42
C ILE A 61 9.17 -22.13 -11.60
N ARG A 62 8.51 -21.45 -10.67
CA ARG A 62 8.31 -20.01 -10.79
C ARG A 62 9.65 -19.26 -10.81
N LYS A 63 10.61 -19.70 -10.01
CA LYS A 63 11.90 -19.01 -9.94
C LYS A 63 12.81 -19.34 -11.12
N LYS A 64 12.50 -20.36 -11.91
CA LYS A 64 13.17 -20.57 -13.18
C LYS A 64 12.46 -19.88 -14.34
N GLN A 65 11.28 -19.30 -14.12
CA GLN A 65 10.56 -18.56 -15.14
C GLN A 65 10.72 -17.07 -14.94
N LYS A 66 10.21 -16.30 -15.89
CA LYS A 66 10.49 -14.87 -15.91
C LYS A 66 9.26 -14.03 -15.60
N GLY A 67 8.53 -14.38 -14.54
CA GLY A 67 7.37 -13.63 -14.10
C GLY A 67 6.29 -13.54 -15.17
N LEU A 68 5.52 -12.46 -15.11
CA LEU A 68 4.53 -12.18 -16.14
C LEU A 68 5.18 -12.15 -17.51
N SER A 69 4.55 -12.80 -18.49
CA SER A 69 5.14 -12.86 -19.83
C SER A 69 4.97 -11.55 -20.59
N VAL A 70 3.93 -10.79 -20.27
CA VAL A 70 3.69 -9.50 -20.92
C VAL A 70 3.59 -8.45 -19.83
N THR A 71 4.48 -7.46 -19.88
CA THR A 71 4.43 -6.31 -18.99
C THR A 71 4.35 -5.04 -19.83
N PHE A 72 3.90 -3.95 -19.19
CA PHE A 72 3.65 -2.70 -19.88
C PHE A 72 4.63 -1.63 -19.45
N ASP A 73 4.99 -0.75 -20.39
CA ASP A 73 5.97 0.30 -20.12
C ASP A 73 5.47 1.27 -19.06
N GLY A 74 4.18 1.64 -19.12
CA GLY A 74 3.64 2.65 -18.24
C GLY A 74 3.29 2.10 -16.86
N LYS A 75 2.89 3.03 -15.99
CA LYS A 75 2.32 2.66 -14.71
C LYS A 75 0.83 2.42 -14.87
N ARG A 76 0.22 1.83 -13.83
CA ARG A 76 -1.18 1.40 -13.95
C ARG A 76 -2.09 2.60 -14.26
N GLU A 77 -1.93 3.69 -13.53
CA GLU A 77 -2.79 4.84 -13.76
C GLU A 77 -2.53 5.53 -15.09
N ASP A 78 -1.43 5.19 -15.79
CA ASP A 78 -1.16 5.75 -17.10
C ASP A 78 -2.08 5.21 -18.18
N TYR A 79 -2.88 4.18 -17.89
CA TYR A 79 -3.76 3.60 -18.90
C TYR A 79 -5.25 3.81 -18.58
N PHE A 80 -5.56 4.57 -17.53
CA PHE A 80 -6.96 4.82 -17.17
C PHE A 80 -7.65 5.77 -18.15
N PRO A 81 -7.02 6.85 -18.63
CA PRO A 81 -7.66 7.62 -19.71
C PRO A 81 -7.94 6.79 -20.94
N ASP A 82 -7.02 5.88 -21.30
CA ASP A 82 -7.29 4.95 -22.39
C ASP A 82 -8.54 4.13 -22.11
N LEU A 83 -8.73 3.73 -20.83
CA LEU A 83 -9.89 2.94 -20.45
C LEU A 83 -11.16 3.79 -20.49
N MET A 84 -11.09 5.02 -19.98
CA MET A 84 -12.24 5.92 -20.04
C MET A 84 -12.64 6.21 -21.49
N LYS A 85 -11.68 6.65 -22.29
CA LYS A 85 -11.92 6.88 -23.71
C LYS A 85 -12.53 5.65 -24.37
N TRP A 86 -12.00 4.47 -24.06
CA TRP A 86 -12.50 3.23 -24.63
C TRP A 86 -13.92 2.91 -24.16
N ALA A 87 -14.24 3.22 -22.90
CA ALA A 87 -15.58 2.92 -22.40
C ALA A 87 -16.59 3.94 -22.89
N SER A 88 -16.19 5.22 -23.00
CA SER A 88 -17.09 6.25 -23.51
C SER A 88 -17.55 5.94 -24.92
N GLU A 89 -16.62 5.54 -25.79
CA GLU A 89 -16.94 5.26 -27.19
C GLU A 89 -17.90 4.10 -27.34
N ASN A 90 -17.99 3.20 -26.36
CA ASN A 90 -18.90 2.08 -26.44
C ASN A 90 -20.11 2.23 -25.53
N GLY A 91 -20.37 3.43 -25.01
CA GLY A 91 -21.62 3.75 -24.36
C GLY A 91 -21.64 3.73 -22.84
N ALA A 92 -20.49 3.53 -22.19
CA ALA A 92 -20.49 3.49 -20.74
C ALA A 92 -20.46 4.90 -20.14
N SER A 93 -20.93 5.01 -18.90
CA SER A 93 -20.82 6.25 -18.17
C SER A 93 -19.37 6.49 -17.76
N VAL A 94 -18.89 7.72 -17.97
CA VAL A 94 -17.49 8.05 -17.73
C VAL A 94 -17.38 9.38 -17.00
N GLU A 95 -18.51 9.91 -16.53
CA GLU A 95 -18.52 11.22 -15.90
C GLU A 95 -19.01 11.11 -14.46
N GLY A 96 -18.44 11.97 -13.60
CA GLY A 96 -18.79 12.02 -12.20
C GLY A 96 -17.78 11.39 -11.27
N PHE A 97 -16.83 10.62 -11.79
CA PHE A 97 -15.90 9.89 -10.94
C PHE A 97 -14.50 9.92 -11.55
N GLU A 98 -13.51 9.67 -10.71
CA GLU A 98 -12.11 9.57 -11.11
C GLU A 98 -11.48 8.37 -10.43
N MET A 99 -10.30 7.97 -10.90
CA MET A 99 -9.58 6.83 -10.37
C MET A 99 -8.54 7.31 -9.36
N VAL A 100 -8.62 6.80 -8.14
CA VAL A 100 -7.72 7.20 -7.06
C VAL A 100 -7.12 5.96 -6.43
N ASN A 101 -5.80 5.99 -6.19
CA ASN A 101 -5.10 4.89 -5.54
C ASN A 101 -5.18 5.10 -4.03
N PHE A 102 -6.19 4.47 -3.41
CA PHE A 102 -6.33 4.51 -1.97
C PHE A 102 -5.35 3.54 -1.32
N LYS A 103 -4.82 3.92 -0.15
CA LYS A 103 -3.93 3.00 0.56
C LYS A 103 -4.67 1.75 0.99
N GLU A 104 -5.87 1.94 1.53
CA GLU A 104 -6.58 0.85 2.19
C GLU A 104 -7.10 -0.15 1.16
N GLU A 105 -7.91 0.31 0.22
CA GLU A 105 -8.56 -0.58 -0.72
C GLU A 105 -7.81 -0.75 -2.03
N GLY A 106 -6.76 0.02 -2.26
CA GLY A 106 -6.17 0.07 -3.58
C GLY A 106 -6.92 1.06 -4.45
N PHE A 107 -6.79 0.87 -5.76
CA PHE A 107 -7.47 1.77 -6.68
C PHE A 107 -8.99 1.60 -6.54
N GLY A 108 -9.70 2.66 -6.90
CA GLY A 108 -11.15 2.66 -6.80
C GLY A 108 -11.70 3.88 -7.51
N LEU A 109 -12.97 4.18 -7.25
CA LEU A 109 -13.64 5.34 -7.82
C LEU A 109 -13.93 6.37 -6.74
N ARG A 110 -13.66 7.63 -7.04
CA ARG A 110 -14.01 8.73 -6.16
C ARG A 110 -14.94 9.69 -6.88
N ALA A 111 -15.95 10.16 -6.17
CA ALA A 111 -16.94 11.04 -6.78
C ALA A 111 -16.35 12.42 -7.01
N THR A 112 -16.45 12.91 -8.25
CA THR A 112 -16.10 14.29 -8.56
C THR A 112 -17.28 15.23 -8.39
N ARG A 113 -18.47 14.70 -8.10
CA ARG A 113 -19.65 15.51 -7.80
C ARG A 113 -20.48 14.77 -6.76
N ASP A 114 -21.45 15.49 -6.18
CA ASP A 114 -22.37 14.88 -5.24
C ASP A 114 -23.25 13.87 -5.97
N ILE A 115 -23.45 12.70 -5.35
CA ILE A 115 -24.21 11.61 -5.92
C ILE A 115 -25.20 11.14 -4.88
N LYS A 116 -26.49 11.16 -5.21
CA LYS A 116 -27.52 10.82 -4.26
C LYS A 116 -27.81 9.32 -4.27
N ALA A 117 -28.32 8.83 -3.14
CA ALA A 117 -28.66 7.42 -3.02
C ALA A 117 -29.74 7.06 -4.02
N GLU A 118 -29.55 5.94 -4.71
CA GLU A 118 -30.45 5.34 -5.70
C GLU A 118 -30.30 5.97 -7.08
N GLU A 119 -29.43 6.96 -7.25
CA GLU A 119 -29.20 7.53 -8.56
C GLU A 119 -28.39 6.57 -9.44
N LEU A 120 -28.81 6.41 -10.69
CA LEU A 120 -28.13 5.54 -11.63
C LEU A 120 -26.94 6.28 -12.19
N PHE A 121 -25.75 6.02 -11.63
CA PHE A 121 -24.56 6.76 -11.98
C PHE A 121 -23.58 5.97 -12.84
N LEU A 122 -23.80 4.67 -13.02
CA LEU A 122 -22.80 3.80 -13.63
C LEU A 122 -23.52 2.74 -14.48
N TRP A 123 -23.17 2.66 -15.75
CA TRP A 123 -23.77 1.69 -16.65
C TRP A 123 -22.74 1.25 -17.69
N VAL A 124 -22.69 -0.05 -17.95
CA VAL A 124 -21.71 -0.64 -18.87
C VAL A 124 -22.40 -1.61 -19.83
N PRO A 125 -22.47 -1.31 -21.12
CA PRO A 125 -23.08 -2.24 -22.07
C PRO A 125 -22.26 -3.51 -22.26
N ARG A 126 -22.96 -4.56 -22.71
CA ARG A 126 -22.36 -5.87 -22.83
C ARG A 126 -21.16 -5.86 -23.79
N LYS A 127 -21.20 -4.99 -24.81
CA LYS A 127 -20.16 -4.95 -25.82
C LYS A 127 -18.76 -4.81 -25.23
N LEU A 128 -18.64 -4.26 -24.02
CA LEU A 128 -17.35 -4.08 -23.35
C LEU A 128 -16.92 -5.29 -22.54
N LEU A 129 -17.87 -6.08 -22.03
CA LEU A 129 -17.56 -7.17 -21.12
C LEU A 129 -16.71 -8.25 -21.81
N MET A 130 -16.03 -9.05 -20.98
CA MET A 130 -15.37 -10.27 -21.41
C MET A 130 -16.19 -11.44 -20.87
N THR A 131 -16.79 -12.22 -21.77
CA THR A 131 -17.68 -13.31 -21.38
C THR A 131 -17.09 -14.65 -21.78
N VAL A 132 -17.69 -15.72 -21.24
CA VAL A 132 -17.33 -17.06 -21.68
C VAL A 132 -17.52 -17.20 -23.19
N GLU A 133 -18.60 -16.64 -23.72
CA GLU A 133 -18.85 -16.78 -25.15
C GLU A 133 -17.88 -15.95 -25.97
N SER A 134 -17.50 -14.77 -25.47
CA SER A 134 -16.48 -13.98 -26.16
C SER A 134 -15.14 -14.67 -26.16
N ALA A 135 -14.91 -15.58 -25.20
CA ALA A 135 -13.70 -16.41 -25.23
C ALA A 135 -13.81 -17.49 -26.30
N LYS A 136 -15.03 -18.01 -26.51
CA LYS A 136 -15.25 -19.00 -27.55
C LYS A 136 -15.07 -18.40 -28.94
N ASN A 137 -15.33 -17.10 -29.11
CA ASN A 137 -15.16 -16.43 -30.40
C ASN A 137 -13.77 -15.84 -30.58
N SER A 138 -12.82 -16.18 -29.72
CA SER A 138 -11.50 -15.56 -29.71
C SER A 138 -10.48 -16.46 -30.41
N VAL A 139 -9.23 -16.00 -30.41
CA VAL A 139 -8.13 -16.83 -30.89
C VAL A 139 -8.02 -18.12 -30.09
N LEU A 140 -8.65 -18.16 -28.91
CA LEU A 140 -8.71 -19.35 -28.08
C LEU A 140 -9.69 -20.38 -28.62
N GLY A 141 -10.59 -19.97 -29.51
CA GLY A 141 -11.70 -20.77 -29.99
C GLY A 141 -11.38 -22.23 -30.30
N PRO A 142 -10.52 -22.47 -31.30
CA PRO A 142 -10.21 -23.86 -31.68
C PRO A 142 -9.77 -24.75 -30.51
N LEU A 143 -8.87 -24.26 -29.65
CA LEU A 143 -8.46 -25.05 -28.51
C LEU A 143 -9.63 -25.30 -27.56
N TYR A 144 -10.46 -24.27 -27.33
CA TYR A 144 -11.63 -24.44 -26.48
C TYR A 144 -12.49 -25.60 -26.94
N SER A 145 -12.82 -25.61 -28.24
CA SER A 145 -13.67 -26.67 -28.78
C SER A 145 -13.04 -28.05 -28.69
N GLN A 146 -11.74 -28.13 -28.41
CA GLN A 146 -11.02 -29.40 -28.42
C GLN A 146 -10.45 -29.77 -27.06
N ASP A 147 -11.01 -29.25 -25.98
CA ASP A 147 -10.49 -29.51 -24.64
C ASP A 147 -11.64 -29.60 -23.63
N ARG A 148 -11.68 -30.72 -22.90
CA ARG A 148 -12.80 -30.98 -22.01
C ARG A 148 -12.88 -29.96 -20.88
N ILE A 149 -11.73 -29.56 -20.35
CA ILE A 149 -11.72 -28.74 -19.13
C ILE A 149 -12.13 -27.30 -19.42
N LEU A 150 -11.68 -26.75 -20.56
CA LEU A 150 -12.17 -25.43 -20.95
C LEU A 150 -13.66 -25.46 -21.26
N GLN A 151 -14.16 -26.57 -21.83
CA GLN A 151 -15.59 -26.68 -22.11
C GLN A 151 -16.41 -26.78 -20.83
N ALA A 152 -15.83 -27.32 -19.76
CA ALA A 152 -16.56 -27.55 -18.53
C ALA A 152 -16.44 -26.41 -17.54
N MET A 153 -15.42 -25.56 -17.65
CA MET A 153 -15.10 -24.57 -16.63
C MET A 153 -15.01 -23.18 -17.26
N GLY A 154 -16.09 -22.41 -17.13
CA GLY A 154 -16.09 -21.08 -17.71
C GLY A 154 -15.06 -20.17 -17.08
N ASN A 155 -14.87 -20.27 -15.75
CA ASN A 155 -13.94 -19.39 -15.07
C ASN A 155 -12.51 -19.61 -15.56
N ILE A 156 -12.12 -20.86 -15.80
CA ILE A 156 -10.83 -21.13 -16.41
C ILE A 156 -10.80 -20.60 -17.84
N ALA A 157 -11.90 -20.78 -18.56
CA ALA A 157 -11.97 -20.29 -19.93
C ALA A 157 -11.87 -18.76 -19.97
N LEU A 158 -12.55 -18.09 -19.05
CA LEU A 158 -12.37 -16.66 -18.86
C LEU A 158 -10.91 -16.32 -18.55
N ALA A 159 -10.27 -17.09 -17.67
CA ALA A 159 -8.88 -16.82 -17.32
C ALA A 159 -7.96 -16.91 -18.53
N PHE A 160 -8.14 -17.93 -19.37
CA PHE A 160 -7.31 -18.02 -20.56
C PHE A 160 -7.70 -16.96 -21.58
N HIS A 161 -8.96 -16.54 -21.58
CA HIS A 161 -9.35 -15.39 -22.37
C HIS A 161 -8.52 -14.17 -21.99
N LEU A 162 -8.37 -13.92 -20.68
CA LEU A 162 -7.56 -12.80 -20.21
C LEU A 162 -6.14 -12.89 -20.76
N LEU A 163 -5.50 -14.06 -20.63
CA LEU A 163 -4.10 -14.19 -21.05
C LEU A 163 -3.94 -14.04 -22.56
N CYS A 164 -4.92 -14.53 -23.32
CA CYS A 164 -4.80 -14.49 -24.78
C CYS A 164 -5.00 -13.08 -25.31
N GLU A 165 -5.86 -12.30 -24.67
CA GLU A 165 -6.00 -10.90 -25.04
C GLU A 165 -4.86 -10.06 -24.47
N ARG A 166 -4.35 -10.44 -23.30
CA ARG A 166 -3.19 -9.75 -22.74
C ARG A 166 -1.97 -9.93 -23.64
N ALA A 167 -1.86 -11.10 -24.27
CA ALA A 167 -0.77 -11.40 -25.20
C ALA A 167 -1.07 -10.93 -26.62
N SER A 168 -2.23 -10.33 -26.86
CA SER A 168 -2.60 -9.87 -28.19
C SER A 168 -2.34 -8.38 -28.30
N PRO A 169 -1.37 -7.93 -29.10
CA PRO A 169 -0.99 -6.50 -29.06
C PRO A 169 -2.06 -5.55 -29.55
N ASN A 170 -3.01 -6.01 -30.36
CA ASN A 170 -4.09 -5.20 -30.87
C ASN A 170 -5.44 -5.71 -30.39
N SER A 171 -5.52 -6.07 -29.10
CA SER A 171 -6.76 -6.62 -28.56
C SER A 171 -7.77 -5.52 -28.28
N PHE A 172 -9.04 -5.85 -28.46
CA PHE A 172 -10.11 -4.90 -28.19
C PHE A 172 -10.21 -4.56 -26.71
N TRP A 173 -9.78 -5.47 -25.83
CA TRP A 173 -9.89 -5.26 -24.39
C TRP A 173 -8.60 -4.73 -23.78
N GLN A 174 -7.65 -4.31 -24.61
CA GLN A 174 -6.37 -3.81 -24.10
C GLN A 174 -6.51 -2.66 -23.11
N PRO A 175 -7.44 -1.71 -23.25
CA PRO A 175 -7.60 -0.70 -22.19
C PRO A 175 -8.01 -1.29 -20.85
N TYR A 176 -8.78 -2.36 -20.86
CA TYR A 176 -9.17 -3.01 -19.60
C TYR A 176 -8.00 -3.75 -18.98
N ILE A 177 -7.32 -4.58 -19.78
CA ILE A 177 -6.24 -5.42 -19.27
C ILE A 177 -5.08 -4.57 -18.76
N GLN A 178 -4.82 -3.44 -19.40
CA GLN A 178 -3.74 -2.56 -19.00
C GLN A 178 -4.04 -1.77 -17.73
N THR A 179 -5.28 -1.78 -17.25
CA THR A 179 -5.62 -1.16 -15.97
C THR A 179 -5.92 -2.18 -14.88
N LEU A 180 -5.83 -3.49 -15.18
CA LEU A 180 -5.97 -4.50 -14.14
C LEU A 180 -4.70 -4.53 -13.29
N PRO A 181 -4.82 -4.92 -12.01
CA PRO A 181 -3.64 -5.01 -11.14
C PRO A 181 -2.57 -5.93 -11.71
N SER A 182 -1.36 -5.78 -11.18
CA SER A 182 -0.25 -6.65 -11.53
C SER A 182 -0.12 -7.84 -10.61
N GLU A 183 -0.72 -7.79 -9.43
CA GLU A 183 -0.73 -8.92 -8.52
C GLU A 183 -1.86 -8.71 -7.52
N TYR A 184 -2.08 -9.71 -6.67
CA TYR A 184 -3.25 -9.76 -5.80
C TYR A 184 -2.87 -10.28 -4.43
N ASP A 185 -3.79 -10.13 -3.48
CA ASP A 185 -3.65 -10.66 -2.14
C ASP A 185 -4.49 -11.92 -1.91
N THR A 186 -4.85 -12.65 -2.98
CA THR A 186 -5.39 -13.99 -2.80
C THR A 186 -4.33 -14.90 -2.15
N PRO A 187 -4.74 -15.97 -1.49
CA PRO A 187 -3.77 -16.88 -0.87
C PRO A 187 -2.75 -17.45 -1.85
N LEU A 188 -3.05 -17.49 -3.15
CA LEU A 188 -2.08 -17.97 -4.12
C LEU A 188 -0.80 -17.15 -4.12
N TYR A 189 -0.80 -15.98 -3.46
CA TYR A 189 0.33 -15.09 -3.36
C TYR A 189 0.94 -15.07 -1.96
N PHE A 190 0.37 -15.79 -1.00
CA PHE A 190 0.89 -15.81 0.36
C PHE A 190 2.20 -16.58 0.41
N GLU A 191 2.96 -16.34 1.47
CA GLU A 191 4.13 -17.13 1.80
C GLU A 191 3.74 -18.24 2.78
N GLU A 192 4.58 -19.27 2.84
CA GLU A 192 4.39 -20.38 3.75
C GLU A 192 4.04 -19.90 5.16
N ASP A 193 4.89 -19.03 5.72
CA ASP A 193 4.66 -18.58 7.09
C ASP A 193 3.34 -17.82 7.21
N GLU A 194 2.87 -17.23 6.12
CA GLU A 194 1.61 -16.49 6.15
C GLU A 194 0.42 -17.43 6.14
N VAL A 195 0.45 -18.46 5.29
CA VAL A 195 -0.57 -19.50 5.32
C VAL A 195 -0.49 -20.29 6.63
N ARG A 196 0.71 -20.40 7.22
CA ARG A 196 0.88 -21.25 8.41
C ARG A 196 0.03 -20.77 9.58
N TYR A 197 -0.27 -19.47 9.67
CA TYR A 197 -1.11 -18.98 10.74
C TYR A 197 -2.48 -19.65 10.75
N LEU A 198 -2.94 -20.10 9.58
CA LEU A 198 -4.29 -20.63 9.43
C LEU A 198 -4.42 -22.10 9.77
N GLN A 199 -3.35 -22.74 10.24
CA GLN A 199 -3.44 -24.15 10.61
C GLN A 199 -4.52 -24.35 11.65
N SER A 200 -5.26 -25.46 11.52
CA SER A 200 -6.35 -25.92 12.38
C SER A 200 -7.66 -25.16 12.15
N THR A 201 -7.72 -24.18 11.25
CA THR A 201 -8.97 -23.48 10.97
C THR A 201 -9.81 -24.26 9.96
N GLN A 202 -11.07 -23.82 9.81
CA GLN A 202 -11.86 -24.30 8.68
C GLN A 202 -11.35 -23.71 7.38
N ALA A 203 -10.87 -22.46 7.43
CA ALA A 203 -10.51 -21.73 6.21
C ALA A 203 -9.38 -22.41 5.46
N ILE A 204 -8.38 -22.96 6.18
CA ILE A 204 -7.16 -23.40 5.51
C ILE A 204 -7.44 -24.56 4.55
N HIS A 205 -8.52 -25.31 4.78
CA HIS A 205 -8.82 -26.41 3.87
C HIS A 205 -9.21 -25.90 2.48
N ASP A 206 -9.84 -24.72 2.39
CA ASP A 206 -10.11 -24.15 1.08
C ASP A 206 -8.91 -23.40 0.50
N VAL A 207 -7.93 -23.04 1.34
CA VAL A 207 -6.66 -22.54 0.82
C VAL A 207 -5.84 -23.69 0.22
N PHE A 208 -5.86 -24.86 0.85
CA PHE A 208 -5.18 -26.02 0.29
C PHE A 208 -5.78 -26.41 -1.05
N SER A 209 -7.11 -26.43 -1.14
CA SER A 209 -7.75 -26.77 -2.40
C SER A 209 -7.37 -25.78 -3.49
N GLN A 210 -7.34 -24.49 -3.16
CA GLN A 210 -7.01 -23.46 -4.13
C GLN A 210 -5.61 -23.66 -4.68
N TYR A 211 -4.64 -23.92 -3.82
CA TYR A 211 -3.26 -24.08 -4.28
C TYR A 211 -3.11 -25.34 -5.14
N LYS A 212 -3.55 -26.47 -4.61
CA LYS A 212 -3.51 -27.73 -5.36
C LYS A 212 -4.21 -27.58 -6.71
N ASN A 213 -5.43 -27.06 -6.71
CA ASN A 213 -6.18 -26.93 -7.96
C ASN A 213 -5.43 -26.05 -8.96
N THR A 214 -5.00 -24.86 -8.55
CA THR A 214 -4.29 -23.96 -9.45
C THR A 214 -3.01 -24.60 -9.98
N ALA A 215 -2.26 -25.26 -9.09
CA ALA A 215 -1.03 -25.92 -9.51
C ALA A 215 -1.32 -27.05 -10.50
N ARG A 216 -2.38 -27.83 -10.24
CA ARG A 216 -2.75 -28.88 -11.18
C ARG A 216 -3.12 -28.29 -12.54
N GLN A 217 -3.93 -27.24 -12.52
CA GLN A 217 -4.38 -26.64 -13.77
C GLN A 217 -3.23 -26.03 -14.54
N TYR A 218 -2.25 -25.44 -13.87
CA TYR A 218 -1.11 -24.89 -14.61
C TYR A 218 -0.31 -26.00 -15.26
N ALA A 219 -0.02 -27.06 -14.51
CA ALA A 219 0.79 -28.15 -15.06
C ALA A 219 0.07 -28.86 -16.21
N TYR A 220 -1.25 -29.02 -16.10
CA TYR A 220 -2.00 -29.61 -17.21
C TYR A 220 -1.94 -28.71 -18.43
N PHE A 221 -2.34 -27.45 -18.28
CA PHE A 221 -2.48 -26.57 -19.42
C PHE A 221 -1.14 -26.17 -20.04
N TYR A 222 -0.05 -26.18 -19.27
CA TYR A 222 1.25 -25.93 -19.89
C TYR A 222 1.55 -26.96 -20.94
N LYS A 223 1.31 -28.24 -20.63
CA LYS A 223 1.50 -29.31 -21.60
C LYS A 223 0.60 -29.13 -22.81
N VAL A 224 -0.66 -28.75 -22.57
CA VAL A 224 -1.61 -28.55 -23.67
C VAL A 224 -1.14 -27.43 -24.59
N ILE A 225 -0.72 -26.30 -24.01
CA ILE A 225 -0.33 -25.15 -24.83
C ILE A 225 0.91 -25.49 -25.66
N GLN A 226 1.82 -26.30 -25.12
CA GLN A 226 3.06 -26.60 -25.81
C GLN A 226 2.93 -27.66 -26.89
N THR A 227 1.94 -28.53 -26.82
CA THR A 227 1.87 -29.69 -27.70
C THR A 227 0.57 -29.83 -28.49
N HIS A 228 -0.53 -29.22 -28.05
CA HIS A 228 -1.78 -29.37 -28.78
C HIS A 228 -1.67 -28.71 -30.15
N PRO A 229 -2.10 -29.36 -31.22
CA PRO A 229 -2.03 -28.73 -32.55
C PRO A 229 -2.87 -27.47 -32.69
N HIS A 230 -3.91 -27.30 -31.88
CA HIS A 230 -4.78 -26.14 -31.99
C HIS A 230 -4.36 -25.00 -31.08
N ALA A 231 -3.31 -25.19 -30.30
CA ALA A 231 -2.68 -24.11 -29.56
C ALA A 231 -1.37 -23.69 -30.20
N ASN A 232 -1.09 -24.18 -31.42
CA ASN A 232 0.23 -24.02 -32.01
C ASN A 232 0.53 -22.56 -32.36
N LYS A 233 -0.45 -21.85 -32.89
CA LYS A 233 -0.27 -20.44 -33.26
C LYS A 233 -0.95 -19.49 -32.27
N LEU A 234 -1.32 -19.98 -31.10
CA LEU A 234 -1.67 -19.08 -30.01
C LEU A 234 -0.45 -18.28 -29.59
N PRO A 235 -0.65 -17.04 -29.09
CA PRO A 235 0.50 -16.27 -28.60
C PRO A 235 1.04 -16.79 -27.28
N LEU A 236 0.26 -17.58 -26.53
CA LEU A 236 0.73 -18.18 -25.28
C LEU A 236 1.76 -19.27 -25.51
N LYS A 237 2.03 -19.64 -26.76
CA LYS A 237 2.70 -20.92 -27.05
C LYS A 237 4.03 -21.04 -26.31
N ASP A 238 4.91 -20.05 -26.43
CA ASP A 238 6.20 -20.10 -25.76
C ASP A 238 6.32 -18.99 -24.71
N SER A 239 5.25 -18.78 -23.95
CA SER A 239 5.21 -17.71 -22.97
C SER A 239 4.05 -17.90 -22.03
N PHE A 240 4.11 -18.93 -21.19
CA PHE A 240 3.00 -19.27 -20.29
C PHE A 240 3.61 -19.74 -18.96
N THR A 241 3.96 -18.78 -18.12
CA THR A 241 4.59 -19.03 -16.84
C THR A 241 3.54 -19.34 -15.77
N TYR A 242 4.00 -19.93 -14.67
CA TYR A 242 3.09 -20.11 -13.56
C TYR A 242 2.51 -18.77 -13.12
N GLU A 243 3.34 -17.73 -13.11
CA GLU A 243 2.88 -16.39 -12.76
C GLU A 243 1.73 -15.95 -13.65
N ASP A 244 1.87 -16.14 -14.96
CA ASP A 244 0.80 -15.80 -15.89
C ASP A 244 -0.52 -16.41 -15.46
N TYR A 245 -0.50 -17.69 -15.11
CA TYR A 245 -1.75 -18.36 -14.77
C TYR A 245 -2.23 -17.96 -13.39
N ARG A 246 -1.33 -17.82 -12.43
CA ARG A 246 -1.74 -17.36 -11.10
C ARG A 246 -2.39 -15.98 -11.18
N TRP A 247 -1.88 -15.10 -12.04
CA TRP A 247 -2.50 -13.78 -12.22
C TRP A 247 -3.85 -13.88 -12.91
N ALA A 248 -3.96 -14.75 -13.92
CA ALA A 248 -5.22 -14.86 -14.66
C ALA A 248 -6.34 -15.36 -13.75
N VAL A 249 -6.10 -16.42 -12.98
CA VAL A 249 -7.18 -16.96 -12.16
C VAL A 249 -7.47 -16.04 -11.00
N SER A 250 -6.47 -15.34 -10.47
CA SER A 250 -6.78 -14.40 -9.40
C SER A 250 -7.49 -13.17 -9.92
N SER A 251 -7.22 -12.79 -11.17
CA SER A 251 -8.02 -11.75 -11.81
C SER A 251 -9.47 -12.16 -11.91
N VAL A 252 -9.72 -13.33 -12.50
CA VAL A 252 -11.08 -13.85 -12.63
C VAL A 252 -11.74 -14.00 -11.26
N MET A 253 -11.02 -14.63 -10.34
CA MET A 253 -11.57 -14.98 -9.03
C MET A 253 -12.01 -13.74 -8.24
N THR A 254 -11.26 -12.65 -8.34
CA THR A 254 -11.52 -11.48 -7.50
C THR A 254 -12.54 -10.52 -8.08
N ARG A 255 -12.97 -10.72 -9.35
CA ARG A 255 -13.95 -9.79 -9.90
C ARG A 255 -14.86 -10.39 -10.97
N GLN A 256 -15.02 -11.70 -11.05
CA GLN A 256 -15.94 -12.22 -12.05
C GLN A 256 -17.39 -12.10 -11.58
N ASN A 257 -18.30 -12.09 -12.55
CA ASN A 257 -19.71 -11.87 -12.34
C ASN A 257 -20.53 -12.93 -13.05
N GLN A 258 -21.83 -12.98 -12.75
CA GLN A 258 -22.77 -13.81 -13.48
C GLN A 258 -23.87 -12.93 -14.04
N ILE A 259 -24.05 -12.99 -15.36
CA ILE A 259 -25.03 -12.16 -16.06
C ILE A 259 -25.86 -13.03 -16.96
N PRO A 260 -27.03 -12.59 -17.40
CA PRO A 260 -27.83 -13.35 -18.37
C PRO A 260 -27.23 -13.25 -19.76
N THR A 261 -27.60 -14.22 -20.60
CA THR A 261 -27.21 -14.19 -21.99
C THR A 261 -27.97 -13.10 -22.75
N GLU A 262 -27.55 -12.85 -24.00
CA GLU A 262 -28.15 -11.84 -24.86
C GLU A 262 -29.68 -11.91 -24.84
N ASP A 263 -30.23 -13.13 -24.86
CA ASP A 263 -31.68 -13.32 -24.84
C ASP A 263 -32.24 -13.33 -23.42
N GLY A 264 -31.56 -13.96 -22.47
CA GLY A 264 -31.98 -13.98 -21.08
C GLY A 264 -32.44 -15.32 -20.55
N SER A 265 -32.01 -16.43 -21.16
CA SER A 265 -32.43 -17.76 -20.75
C SER A 265 -31.50 -18.37 -19.70
N ARG A 266 -30.21 -18.47 -20.02
CA ARG A 266 -29.22 -19.02 -19.12
C ARG A 266 -28.27 -17.92 -18.66
N VAL A 267 -27.50 -18.22 -17.61
CA VAL A 267 -26.54 -17.31 -17.04
C VAL A 267 -25.14 -17.69 -17.52
N THR A 268 -24.26 -16.69 -17.55
CA THR A 268 -22.89 -16.86 -18.02
C THR A 268 -21.97 -16.06 -17.13
N LEU A 269 -20.67 -16.32 -17.22
CA LEU A 269 -19.67 -15.61 -16.42
C LEU A 269 -19.05 -14.50 -17.25
N ALA A 270 -18.81 -13.35 -16.62
CA ALA A 270 -18.32 -12.20 -17.36
C ALA A 270 -17.50 -11.28 -16.47
N LEU A 271 -16.53 -10.60 -17.09
CA LEU A 271 -15.77 -9.54 -16.45
C LEU A 271 -16.33 -8.20 -16.92
N ILE A 272 -16.59 -7.29 -15.98
CA ILE A 272 -17.21 -6.01 -16.29
C ILE A 272 -16.22 -4.88 -16.14
N PRO A 273 -15.71 -4.33 -17.26
CA PRO A 273 -14.78 -3.20 -17.16
C PRO A 273 -15.41 -1.98 -16.49
N LEU A 274 -14.55 -1.08 -16.03
CA LEU A 274 -14.90 0.17 -15.36
C LEU A 274 -15.69 -0.04 -14.07
N TRP A 275 -16.79 -0.80 -14.11
CA TRP A 275 -17.59 -0.97 -12.91
C TRP A 275 -16.90 -1.87 -11.88
N ASP A 276 -16.15 -2.88 -12.32
CA ASP A 276 -15.47 -3.74 -11.37
C ASP A 276 -14.37 -3.03 -10.60
N MET A 277 -14.13 -1.75 -10.88
CA MET A 277 -13.14 -0.99 -10.14
C MET A 277 -13.68 -0.45 -8.82
N CYS A 278 -14.93 -0.72 -8.48
CA CYS A 278 -15.48 -0.23 -7.23
C CYS A 278 -15.09 -1.17 -6.10
N ASN A 279 -14.76 -0.59 -4.96
CA ASN A 279 -14.41 -1.38 -3.81
C ASN A 279 -15.65 -1.62 -2.96
N HIS A 280 -15.53 -2.57 -2.04
CA HIS A 280 -16.67 -3.11 -1.30
C HIS A 280 -16.88 -2.34 0.00
N THR A 281 -18.16 -2.18 0.38
CA THR A 281 -18.56 -1.81 1.73
C THR A 281 -19.81 -2.60 2.10
N ASN A 282 -20.25 -2.46 3.34
CA ASN A 282 -21.48 -3.13 3.78
C ASN A 282 -22.71 -2.43 3.20
N GLY A 283 -23.73 -3.23 2.86
CA GLY A 283 -24.94 -2.67 2.30
C GLY A 283 -25.69 -3.73 1.51
N LEU A 284 -26.40 -3.26 0.48
CA LEU A 284 -27.24 -4.09 -0.36
C LEU A 284 -26.73 -4.04 -1.80
N ILE A 285 -27.11 -5.06 -2.57
CA ILE A 285 -26.71 -5.09 -3.98
C ILE A 285 -27.52 -4.08 -4.77
N THR A 286 -26.82 -3.20 -5.49
CA THR A 286 -27.43 -2.16 -6.30
C THR A 286 -27.02 -2.26 -7.76
N THR A 287 -26.39 -3.34 -8.17
CA THR A 287 -25.95 -3.54 -9.55
C THR A 287 -26.79 -4.67 -10.15
N GLY A 288 -27.66 -4.31 -11.09
CA GLY A 288 -28.41 -5.31 -11.82
C GLY A 288 -28.12 -5.27 -13.31
N TYR A 289 -28.47 -6.33 -14.03
CA TYR A 289 -28.42 -6.31 -15.48
C TYR A 289 -29.79 -5.93 -16.02
N ASN A 290 -29.80 -5.09 -17.06
CA ASN A 290 -31.01 -4.72 -17.77
C ASN A 290 -30.98 -5.39 -19.13
N LEU A 291 -31.81 -6.43 -19.29
CA LEU A 291 -31.87 -7.18 -20.53
C LEU A 291 -32.33 -6.31 -21.71
N GLU A 292 -33.27 -5.40 -21.45
CA GLU A 292 -33.86 -4.60 -22.53
C GLU A 292 -32.79 -3.80 -23.25
N ASP A 293 -32.05 -2.95 -22.53
CA ASP A 293 -31.00 -2.16 -23.15
C ASP A 293 -29.64 -2.84 -23.11
N ASP A 294 -29.56 -4.09 -22.61
CA ASP A 294 -28.38 -4.94 -22.77
C ASP A 294 -27.15 -4.27 -22.15
N ARG A 295 -27.21 -4.09 -20.83
CA ARG A 295 -26.13 -3.38 -20.13
C ARG A 295 -26.26 -3.64 -18.63
N CYS A 296 -25.12 -3.51 -17.95
CA CYS A 296 -25.06 -3.56 -16.49
C CYS A 296 -25.34 -2.18 -15.92
N GLU A 297 -26.13 -2.12 -14.86
CA GLU A 297 -26.56 -0.85 -14.28
C GLU A 297 -26.33 -0.87 -12.79
N CYS A 298 -25.78 0.23 -12.26
CA CYS A 298 -25.47 0.34 -10.85
C CYS A 298 -25.97 1.68 -10.29
N VAL A 299 -26.77 1.62 -9.24
CA VAL A 299 -27.24 2.82 -8.57
C VAL A 299 -26.43 3.03 -7.31
N ALA A 300 -26.26 4.30 -6.92
CA ALA A 300 -25.47 4.63 -5.74
C ALA A 300 -26.07 3.99 -4.51
N LEU A 301 -25.24 3.23 -3.79
CA LEU A 301 -25.70 2.52 -2.60
C LEU A 301 -26.01 3.47 -1.45
N GLN A 302 -25.35 4.63 -1.41
CA GLN A 302 -25.60 5.64 -0.40
C GLN A 302 -25.29 7.00 -1.01
N ASP A 303 -25.40 8.04 -0.19
CA ASP A 303 -24.97 9.37 -0.62
C ASP A 303 -23.45 9.42 -0.63
N PHE A 304 -22.88 9.87 -1.75
CA PHE A 304 -21.45 10.14 -1.86
C PHE A 304 -21.26 11.63 -2.10
N ARG A 305 -20.71 12.33 -1.13
CA ARG A 305 -20.28 13.70 -1.37
C ARG A 305 -19.15 13.70 -2.40
N ALA A 306 -18.92 14.85 -3.01
CA ALA A 306 -17.78 14.97 -3.90
C ALA A 306 -16.50 14.77 -3.10
N GLY A 307 -15.55 14.05 -3.69
CA GLY A 307 -14.32 13.73 -2.99
C GLY A 307 -14.39 12.52 -2.10
N GLU A 308 -15.55 11.87 -1.98
CA GLU A 308 -15.70 10.63 -1.23
C GLU A 308 -15.59 9.45 -2.18
N GLN A 309 -15.06 8.35 -1.67
CA GLN A 309 -14.95 7.13 -2.46
C GLN A 309 -16.31 6.50 -2.70
N ILE A 310 -16.51 5.98 -3.91
CA ILE A 310 -17.74 5.28 -4.26
C ILE A 310 -17.53 3.78 -4.00
N TYR A 311 -18.32 3.21 -3.10
CA TYR A 311 -18.33 1.79 -2.83
C TYR A 311 -19.62 1.15 -3.33
N ILE A 312 -19.55 -0.16 -3.58
CA ILE A 312 -20.72 -1.00 -3.79
C ILE A 312 -20.67 -2.14 -2.78
N PHE A 313 -21.80 -2.80 -2.62
CA PHE A 313 -21.87 -4.03 -1.83
C PHE A 313 -21.63 -5.21 -2.76
N TYR A 314 -20.56 -5.97 -2.50
CA TYR A 314 -20.17 -7.05 -3.40
C TYR A 314 -21.18 -8.19 -3.33
N GLY A 315 -21.68 -8.49 -2.15
CA GLY A 315 -22.55 -9.63 -1.94
C GLY A 315 -22.39 -10.16 -0.53
N THR A 316 -23.37 -10.98 -0.14
CA THR A 316 -23.36 -11.65 1.16
C THR A 316 -22.31 -12.74 1.14
N ARG A 317 -21.12 -12.45 1.63
CA ARG A 317 -20.01 -13.40 1.59
C ARG A 317 -19.30 -13.43 2.93
N SER A 318 -18.75 -14.59 3.26
CA SER A 318 -18.03 -14.75 4.51
C SER A 318 -16.62 -14.20 4.39
N ASN A 319 -15.99 -13.95 5.55
CA ASN A 319 -14.59 -13.55 5.57
C ASN A 319 -13.70 -14.64 5.00
N ALA A 320 -14.05 -15.90 5.20
CA ALA A 320 -13.31 -16.98 4.55
C ALA A 320 -13.37 -16.83 3.04
N GLU A 321 -14.53 -16.46 2.50
CA GLU A 321 -14.66 -16.31 1.06
C GLU A 321 -14.03 -15.02 0.55
N PHE A 322 -14.05 -13.95 1.35
CA PHE A 322 -13.41 -12.71 0.96
C PHE A 322 -11.90 -12.89 0.84
N VAL A 323 -11.29 -13.54 1.83
CA VAL A 323 -9.85 -13.75 1.82
C VAL A 323 -9.44 -14.66 0.67
N ILE A 324 -10.12 -15.79 0.52
CA ILE A 324 -9.68 -16.80 -0.43
C ILE A 324 -9.95 -16.36 -1.87
N HIS A 325 -11.14 -15.82 -2.15
CA HIS A 325 -11.53 -15.53 -3.52
C HIS A 325 -11.51 -14.06 -3.89
N SER A 326 -11.59 -13.14 -2.92
CA SER A 326 -11.50 -11.72 -3.23
C SER A 326 -10.17 -11.10 -2.80
N GLY A 327 -9.34 -11.84 -2.07
CA GLY A 327 -8.03 -11.34 -1.69
C GLY A 327 -8.02 -10.16 -0.74
N PHE A 328 -8.92 -10.14 0.23
CA PHE A 328 -8.88 -9.12 1.27
C PHE A 328 -9.76 -9.56 2.43
N PHE A 329 -9.57 -8.91 3.58
CA PHE A 329 -10.37 -9.16 4.77
C PHE A 329 -11.18 -7.90 5.07
N PHE A 330 -12.51 -8.05 5.11
CA PHE A 330 -13.41 -6.95 5.41
C PHE A 330 -13.77 -7.01 6.89
N ASP A 331 -13.50 -5.92 7.61
CA ASP A 331 -13.60 -5.93 9.07
C ASP A 331 -15.04 -5.85 9.55
N ASN A 332 -15.83 -4.99 8.95
CA ASN A 332 -17.22 -4.78 9.39
C ASN A 332 -18.21 -5.75 8.74
N ASN A 333 -17.86 -7.03 8.59
CA ASN A 333 -18.64 -7.93 7.74
C ASN A 333 -19.79 -8.55 8.53
N SER A 334 -21.00 -8.07 8.26
CA SER A 334 -22.18 -8.57 8.98
C SER A 334 -22.67 -9.91 8.45
N HIS A 335 -22.14 -10.40 7.33
CA HIS A 335 -22.50 -11.70 6.79
C HIS A 335 -21.42 -12.76 7.03
N ASP A 336 -20.60 -12.57 8.06
CA ASP A 336 -19.57 -13.53 8.42
C ASP A 336 -20.22 -14.78 9.03
N ARG A 337 -19.58 -15.93 8.80
CA ARG A 337 -20.14 -17.19 9.29
C ARG A 337 -19.07 -18.27 9.32
N VAL A 338 -19.30 -19.28 10.16
CA VAL A 338 -18.51 -20.51 10.16
C VAL A 338 -19.43 -21.68 9.86
N LYS A 339 -18.86 -22.76 9.36
CA LYS A 339 -19.61 -23.97 9.02
C LYS A 339 -19.70 -24.91 10.22
N ILE A 340 -20.73 -25.76 10.20
CA ILE A 340 -20.93 -26.72 11.29
C ILE A 340 -21.67 -27.94 10.74
N LYS A 341 -21.10 -29.13 10.98
CA LYS A 341 -21.69 -30.40 10.56
C LYS A 341 -22.68 -30.89 11.62
N LEU A 342 -23.88 -31.24 11.19
CA LEU A 342 -24.90 -31.76 12.09
C LEU A 342 -25.84 -32.69 11.35
N GLY A 343 -26.23 -33.77 12.01
CA GLY A 343 -27.22 -34.68 11.47
C GLY A 343 -27.75 -35.58 12.56
N VAL A 344 -28.88 -36.22 12.28
CA VAL A 344 -29.41 -37.24 13.19
C VAL A 344 -28.59 -38.51 12.95
N SER A 345 -28.03 -39.05 14.04
CA SER A 345 -27.28 -40.30 13.94
C SER A 345 -28.24 -41.45 13.68
N LYS A 346 -27.91 -42.30 12.71
CA LYS A 346 -28.81 -43.39 12.37
C LYS A 346 -28.97 -44.38 13.53
N SER A 347 -28.13 -44.29 14.56
CA SER A 347 -28.28 -45.08 15.77
C SER A 347 -29.27 -44.49 16.76
N ASP A 348 -29.85 -43.33 16.47
CA ASP A 348 -30.90 -42.79 17.32
C ASP A 348 -32.12 -43.70 17.24
N ARG A 349 -32.68 -44.02 18.42
CA ARG A 349 -33.91 -44.80 18.44
C ARG A 349 -35.04 -44.11 17.69
N LEU A 350 -34.96 -42.79 17.53
CA LEU A 350 -36.00 -41.99 16.90
C LEU A 350 -35.58 -41.47 15.53
N TYR A 351 -34.66 -42.17 14.86
CA TYR A 351 -34.18 -41.71 13.56
C TYR A 351 -35.32 -41.59 12.55
N ALA A 352 -36.19 -42.59 12.49
CA ALA A 352 -37.21 -42.64 11.44
C ALA A 352 -38.22 -41.50 11.60
N MET A 353 -38.66 -41.24 12.83
CA MET A 353 -39.62 -40.16 13.05
C MET A 353 -38.99 -38.80 12.82
N LYS A 354 -37.77 -38.61 13.34
CA LYS A 354 -37.09 -37.34 13.13
C LYS A 354 -36.76 -37.13 11.66
N ALA A 355 -36.38 -38.19 10.95
CA ALA A 355 -36.09 -38.05 9.51
C ALA A 355 -37.35 -37.73 8.72
N GLU A 356 -38.52 -38.19 9.15
CA GLU A 356 -39.75 -37.86 8.44
C GLU A 356 -40.23 -36.46 8.78
N VAL A 357 -40.07 -36.03 10.04
CA VAL A 357 -40.40 -34.65 10.39
C VAL A 357 -39.47 -33.69 9.65
N LEU A 358 -38.17 -33.99 9.63
CA LEU A 358 -37.23 -33.13 8.89
C LEU A 358 -37.56 -33.12 7.40
N ALA A 359 -37.95 -34.28 6.86
CA ALA A 359 -38.35 -34.34 5.45
C ALA A 359 -39.59 -33.49 5.21
N ARG A 360 -40.55 -33.54 6.12
CA ARG A 360 -41.76 -32.74 5.95
C ARG A 360 -41.47 -31.26 6.07
N ALA A 361 -40.41 -30.88 6.79
CA ALA A 361 -40.02 -29.49 6.89
C ALA A 361 -39.08 -29.05 5.78
N GLY A 362 -38.76 -29.93 4.84
CA GLY A 362 -37.80 -29.58 3.80
C GLY A 362 -36.41 -29.37 4.32
N ILE A 363 -35.96 -30.22 5.25
CA ILE A 363 -34.68 -30.06 5.93
C ILE A 363 -33.93 -31.41 5.80
N PRO A 364 -32.68 -31.41 5.39
CA PRO A 364 -31.97 -32.69 5.22
C PRO A 364 -31.73 -33.39 6.55
N THR A 365 -31.47 -34.69 6.46
CA THR A 365 -31.21 -35.46 7.68
C THR A 365 -29.88 -35.07 8.30
N SER A 366 -28.84 -34.96 7.47
CA SER A 366 -27.53 -34.42 7.85
C SER A 366 -27.18 -33.33 6.86
N SER A 367 -26.53 -32.27 7.35
CA SER A 367 -26.26 -31.13 6.49
C SER A 367 -25.15 -30.29 7.12
N VAL A 368 -24.60 -29.38 6.31
CA VAL A 368 -23.63 -28.41 6.77
C VAL A 368 -24.37 -27.09 6.95
N PHE A 369 -24.49 -26.65 8.20
CA PHE A 369 -25.18 -25.43 8.55
C PHE A 369 -24.15 -24.35 8.87
N ALA A 370 -24.65 -23.19 9.33
CA ALA A 370 -23.79 -22.03 9.56
C ALA A 370 -24.12 -21.38 10.89
N LEU A 371 -23.08 -21.04 11.64
CA LEU A 371 -23.17 -20.11 12.77
C LEU A 371 -22.86 -18.72 12.27
N HIS A 372 -23.60 -17.73 12.77
CA HIS A 372 -23.56 -16.39 12.21
C HIS A 372 -23.00 -15.39 13.22
N PHE A 373 -22.58 -14.24 12.68
CA PHE A 373 -21.97 -13.20 13.50
C PHE A 373 -23.01 -12.27 14.09
N THR A 374 -23.97 -11.83 13.29
CA THR A 374 -25.03 -10.97 13.79
C THR A 374 -26.21 -11.81 14.27
N GLU A 375 -26.74 -11.44 15.43
CA GLU A 375 -27.86 -12.16 16.03
C GLU A 375 -29.04 -12.19 15.07
N PRO A 376 -29.76 -13.33 14.97
CA PRO A 376 -29.49 -14.55 15.75
C PRO A 376 -28.39 -15.42 15.16
N PRO A 377 -27.61 -16.08 16.01
CA PRO A 377 -26.50 -16.90 15.51
C PRO A 377 -26.93 -18.00 14.55
N ILE A 378 -28.18 -18.46 14.59
CA ILE A 378 -28.63 -19.59 13.78
C ILE A 378 -29.81 -19.15 12.92
N SER A 379 -29.88 -19.69 11.70
CA SER A 379 -30.97 -19.36 10.79
C SER A 379 -32.26 -20.05 11.26
N ALA A 380 -33.35 -19.77 10.53
CA ALA A 380 -34.60 -20.47 10.82
C ALA A 380 -34.47 -21.96 10.55
N GLN A 381 -33.66 -22.35 9.56
CA GLN A 381 -33.52 -23.76 9.24
C GLN A 381 -32.75 -24.50 10.32
N LEU A 382 -31.66 -23.92 10.83
CA LEU A 382 -30.89 -24.62 11.85
C LEU A 382 -31.66 -24.75 13.15
N LEU A 383 -32.42 -23.72 13.52
CA LEU A 383 -33.26 -23.80 14.72
C LEU A 383 -34.30 -24.90 14.57
N ALA A 384 -34.94 -25.01 13.40
CA ALA A 384 -35.90 -26.08 13.18
C ALA A 384 -35.25 -27.44 13.32
N PHE A 385 -34.04 -27.59 12.76
CA PHE A 385 -33.31 -28.85 12.90
C PHE A 385 -33.00 -29.16 14.36
N LEU A 386 -32.40 -28.20 15.06
CA LEU A 386 -32.11 -28.41 16.48
C LEU A 386 -33.36 -28.76 17.26
N ARG A 387 -34.52 -28.21 16.88
CA ARG A 387 -35.74 -28.50 17.60
C ARG A 387 -36.18 -29.94 17.40
N VAL A 388 -36.17 -30.42 16.15
CA VAL A 388 -36.48 -31.81 15.87
C VAL A 388 -35.42 -32.72 16.48
N PHE A 389 -34.14 -32.33 16.36
CA PHE A 389 -33.03 -33.12 16.88
C PHE A 389 -33.18 -33.43 18.35
N CYS A 390 -33.88 -32.58 19.11
CA CYS A 390 -34.03 -32.72 20.55
C CYS A 390 -35.45 -33.08 20.98
N MET A 391 -36.36 -33.34 20.04
CA MET A 391 -37.72 -33.67 20.40
C MET A 391 -37.81 -35.05 21.04
N THR A 392 -38.78 -35.21 21.93
CA THR A 392 -39.14 -36.51 22.49
C THR A 392 -40.13 -37.21 21.56
N GLU A 393 -40.51 -38.44 21.93
CA GLU A 393 -41.44 -39.19 21.10
C GLU A 393 -42.81 -38.52 21.05
N GLU A 394 -43.30 -38.00 22.17
CA GLU A 394 -44.59 -37.32 22.18
C GLU A 394 -44.59 -36.14 21.21
N GLU A 395 -43.57 -35.28 21.32
CA GLU A 395 -43.51 -34.10 20.47
C GLU A 395 -43.42 -34.48 19.00
N LEU A 396 -42.62 -35.50 18.68
CA LEU A 396 -42.55 -35.97 17.30
C LEU A 396 -43.93 -36.37 16.79
N LYS A 397 -44.72 -37.04 17.63
CA LYS A 397 -46.05 -37.46 17.19
C LYS A 397 -46.97 -36.26 16.97
N GLU A 398 -46.86 -35.24 17.82
CA GLU A 398 -47.65 -34.02 17.66
C GLU A 398 -47.28 -33.24 16.40
N HIS A 399 -46.17 -33.59 15.75
CA HIS A 399 -45.81 -33.00 14.47
C HIS A 399 -46.02 -33.96 13.30
N LEU A 400 -46.40 -35.20 13.55
CA LEU A 400 -46.63 -36.19 12.52
C LEU A 400 -48.09 -36.60 12.37
N LEU A 401 -48.86 -36.57 13.45
CA LEU A 401 -50.24 -37.03 13.47
C LEU A 401 -51.17 -35.89 13.87
N GLY A 402 -52.37 -35.92 13.31
CA GLY A 402 -53.43 -35.05 13.75
C GLY A 402 -53.69 -33.91 12.77
N ASP A 403 -54.69 -33.11 13.14
CA ASP A 403 -55.11 -31.96 12.34
C ASP A 403 -54.18 -30.78 12.48
N SER A 404 -53.36 -30.74 13.53
CA SER A 404 -52.41 -29.65 13.75
C SER A 404 -50.98 -30.01 13.37
N ALA A 405 -50.74 -31.25 12.91
CA ALA A 405 -49.38 -31.67 12.56
C ALA A 405 -48.76 -30.77 11.51
N ILE A 406 -49.53 -30.42 10.47
CA ILE A 406 -48.99 -29.55 9.41
C ILE A 406 -48.67 -28.18 9.97
N ASP A 407 -49.60 -27.59 10.72
CA ASP A 407 -49.39 -26.25 11.25
C ASP A 407 -48.25 -26.22 12.26
N ARG A 408 -48.00 -27.35 12.94
CA ARG A 408 -46.93 -27.40 13.92
C ARG A 408 -45.56 -27.43 13.26
N ILE A 409 -45.45 -28.03 12.08
CA ILE A 409 -44.17 -28.03 11.39
C ILE A 409 -43.91 -26.67 10.76
N PHE A 410 -44.95 -25.94 10.37
CA PHE A 410 -44.77 -24.63 9.75
C PHE A 410 -44.01 -23.67 10.66
N THR A 411 -44.10 -23.86 11.97
CA THR A 411 -43.52 -22.93 12.93
C THR A 411 -42.23 -23.43 13.56
N LEU A 412 -41.65 -24.52 13.05
CA LEU A 412 -40.44 -25.06 13.68
C LEU A 412 -39.29 -24.07 13.64
N GLY A 413 -39.12 -23.36 12.51
CA GLY A 413 -38.05 -22.41 12.36
C GLY A 413 -38.29 -21.04 12.94
N ASN A 414 -39.30 -20.88 13.78
CA ASN A 414 -39.71 -19.58 14.30
C ASN A 414 -39.46 -19.52 15.79
N SER A 415 -38.68 -18.53 16.24
CA SER A 415 -38.28 -18.41 17.63
C SER A 415 -39.43 -18.14 18.58
N GLU A 416 -40.60 -17.74 18.08
CA GLU A 416 -41.71 -17.39 18.96
C GLU A 416 -42.64 -18.57 19.23
N PHE A 417 -42.50 -19.66 18.49
CA PHE A 417 -43.35 -20.85 18.65
C PHE A 417 -42.48 -22.03 19.05
N PRO A 418 -42.05 -22.08 20.31
CA PRO A 418 -41.26 -23.22 20.76
C PRO A 418 -42.11 -24.47 20.82
N VAL A 419 -41.47 -25.62 20.59
CA VAL A 419 -42.12 -26.91 20.83
C VAL A 419 -42.48 -27.04 22.31
N SER A 420 -41.48 -26.89 23.18
CA SER A 420 -41.69 -26.79 24.62
C SER A 420 -40.53 -26.00 25.21
N TRP A 421 -40.69 -25.57 26.48
CA TRP A 421 -39.54 -25.06 27.19
C TRP A 421 -38.45 -26.12 27.26
N ASP A 422 -38.84 -27.36 27.56
CA ASP A 422 -37.89 -28.46 27.69
C ASP A 422 -37.10 -28.66 26.40
N ASN A 423 -37.78 -28.63 25.25
CA ASN A 423 -37.09 -28.82 23.98
C ASN A 423 -36.04 -27.74 23.76
N GLU A 424 -36.41 -26.48 24.02
CA GLU A 424 -35.51 -25.36 23.79
C GLU A 424 -34.28 -25.46 24.69
N VAL A 425 -34.49 -25.76 25.98
CA VAL A 425 -33.38 -25.89 26.92
C VAL A 425 -32.37 -26.93 26.44
N LYS A 426 -32.86 -28.07 25.95
CA LYS A 426 -31.96 -29.15 25.54
C LYS A 426 -31.20 -28.81 24.27
N LEU A 427 -31.77 -27.99 23.39
CA LEU A 427 -31.08 -27.66 22.15
C LEU A 427 -30.09 -26.51 22.32
N TRP A 428 -30.39 -25.54 23.19
CA TRP A 428 -29.40 -24.52 23.50
C TRP A 428 -28.28 -25.08 24.35
N THR A 429 -28.59 -26.05 25.20
CA THR A 429 -27.53 -26.77 25.89
C THR A 429 -26.67 -27.53 24.90
N PHE A 430 -27.27 -28.12 23.87
CA PHE A 430 -26.49 -28.81 22.86
C PHE A 430 -25.60 -27.83 22.11
N LEU A 431 -26.17 -26.69 21.67
CA LEU A 431 -25.40 -25.76 20.86
C LEU A 431 -24.25 -25.16 21.65
N GLU A 432 -24.49 -24.80 22.92
CA GLU A 432 -23.43 -24.23 23.75
C GLU A 432 -22.25 -25.20 23.88
N ASP A 433 -22.53 -26.49 24.07
CA ASP A 433 -21.43 -27.44 24.19
C ASP A 433 -20.74 -27.65 22.84
N ARG A 434 -21.48 -27.61 21.74
CA ARG A 434 -20.87 -27.90 20.44
C ARG A 434 -19.93 -26.78 20.02
N ALA A 435 -20.33 -25.53 20.21
CA ALA A 435 -19.44 -24.42 19.87
C ALA A 435 -18.23 -24.40 20.79
N SER A 436 -18.44 -24.66 22.08
CA SER A 436 -17.32 -24.75 23.02
C SER A 436 -16.31 -25.80 22.58
N LEU A 437 -16.79 -26.94 22.10
CA LEU A 437 -15.90 -27.99 21.61
C LEU A 437 -15.11 -27.51 20.39
N LEU A 438 -15.81 -26.96 19.40
CA LEU A 438 -15.13 -26.48 18.20
C LEU A 438 -14.09 -25.42 18.53
N LEU A 439 -14.36 -24.58 19.54
CA LEU A 439 -13.41 -23.54 19.92
C LEU A 439 -12.07 -24.13 20.32
N LYS A 440 -12.09 -25.29 20.99
CA LYS A 440 -10.87 -25.90 21.50
C LYS A 440 -10.03 -26.57 20.42
N THR A 441 -10.52 -26.68 19.20
CA THR A 441 -9.79 -27.36 18.14
C THR A 441 -8.83 -26.45 17.39
N TYR A 442 -8.74 -25.18 17.79
CA TYR A 442 -7.82 -24.21 17.21
C TYR A 442 -6.52 -24.19 17.99
N LYS A 443 -5.42 -23.92 17.29
CA LYS A 443 -4.10 -23.97 17.93
C LYS A 443 -3.77 -22.72 18.75
N THR A 444 -4.44 -21.60 18.49
CA THR A 444 -4.32 -20.40 19.30
C THR A 444 -5.69 -20.00 19.83
N THR A 445 -5.69 -19.21 20.91
CA THR A 445 -6.93 -18.73 21.48
C THR A 445 -7.28 -17.34 20.96
N ILE A 446 -8.45 -16.86 21.35
CA ILE A 446 -8.87 -15.51 21.00
C ILE A 446 -7.91 -14.49 21.61
N GLU A 447 -7.66 -14.63 22.92
CA GLU A 447 -6.74 -13.72 23.60
C GLU A 447 -5.37 -13.74 22.93
N GLU A 448 -4.91 -14.92 22.50
CA GLU A 448 -3.62 -15.00 21.85
C GLU A 448 -3.61 -14.25 20.53
N ASP A 449 -4.73 -14.28 19.81
CA ASP A 449 -4.79 -13.61 18.51
C ASP A 449 -4.80 -12.09 18.67
N LYS A 450 -5.57 -11.58 19.62
CA LYS A 450 -5.56 -10.14 19.89
C LYS A 450 -4.19 -9.67 20.34
N SER A 451 -3.44 -10.53 21.02
CA SER A 451 -2.08 -10.18 21.42
C SER A 451 -1.15 -10.09 20.22
N VAL A 452 -1.25 -11.05 19.29
CA VAL A 452 -0.39 -11.04 18.10
C VAL A 452 -0.67 -9.82 17.24
N LEU A 453 -1.93 -9.37 17.18
CA LEU A 453 -2.26 -8.21 16.36
C LEU A 453 -1.74 -6.92 16.99
N LYS A 454 -1.76 -6.85 18.32
CA LYS A 454 -1.35 -5.65 19.01
C LYS A 454 0.18 -5.49 19.00
N ASN A 455 0.90 -6.53 19.40
CA ASN A 455 2.32 -6.43 19.69
C ASN A 455 3.24 -6.75 18.52
N HIS A 456 2.74 -7.38 17.47
CA HIS A 456 3.55 -7.65 16.28
C HIS A 456 3.32 -6.58 15.22
N ASP A 457 4.22 -6.55 14.23
CA ASP A 457 4.06 -5.73 13.05
C ASP A 457 4.03 -6.64 11.83
N LEU A 458 2.90 -6.66 11.13
CA LEU A 458 2.61 -7.72 10.18
C LEU A 458 2.32 -7.15 8.80
N SER A 459 2.53 -7.98 7.78
CA SER A 459 2.17 -7.59 6.43
C SER A 459 0.64 -7.57 6.30
N VAL A 460 0.18 -7.09 5.13
CA VAL A 460 -1.25 -7.09 4.84
C VAL A 460 -1.77 -8.52 4.76
N ARG A 461 -1.02 -9.37 4.05
CA ARG A 461 -1.41 -10.78 3.92
C ARG A 461 -1.38 -11.49 5.27
N ALA A 462 -0.41 -11.15 6.12
CA ALA A 462 -0.36 -11.78 7.43
C ALA A 462 -1.52 -11.33 8.30
N LYS A 463 -1.82 -10.04 8.30
CA LYS A 463 -3.00 -9.55 9.01
C LYS A 463 -4.26 -10.26 8.56
N MET A 464 -4.38 -10.56 7.26
CA MET A 464 -5.55 -11.28 6.75
C MET A 464 -5.68 -12.64 7.41
N ALA A 465 -4.60 -13.43 7.36
CA ALA A 465 -4.63 -14.77 7.93
C ALA A 465 -5.04 -14.76 9.40
N ILE A 466 -4.45 -13.85 10.18
CA ILE A 466 -4.69 -13.83 11.62
C ILE A 466 -6.06 -13.27 11.94
N LYS A 467 -6.49 -12.22 11.26
CA LYS A 467 -7.83 -11.71 11.47
C LYS A 467 -8.87 -12.76 11.08
N LEU A 468 -8.53 -13.63 10.13
CA LEU A 468 -9.45 -14.67 9.68
C LEU A 468 -9.63 -15.73 10.76
N ARG A 469 -8.53 -16.25 11.31
CA ARG A 469 -8.65 -17.26 12.35
C ARG A 469 -9.21 -16.67 13.64
N LEU A 470 -8.95 -15.38 13.90
CA LEU A 470 -9.59 -14.72 15.03
C LEU A 470 -11.10 -14.62 14.81
N GLY A 471 -11.51 -14.37 13.57
CA GLY A 471 -12.93 -14.20 13.30
C GLY A 471 -13.71 -15.49 13.48
N GLU A 472 -13.16 -16.61 12.99
CA GLU A 472 -13.80 -17.90 13.19
C GLU A 472 -14.10 -18.13 14.67
N LYS A 473 -13.11 -17.88 15.53
CA LYS A 473 -13.28 -18.15 16.95
C LYS A 473 -14.26 -17.16 17.60
N GLU A 474 -14.25 -15.90 17.15
CA GLU A 474 -15.15 -14.93 17.76
C GLU A 474 -16.61 -15.24 17.42
N ILE A 475 -16.87 -15.92 16.31
CA ILE A 475 -18.24 -16.36 16.02
C ILE A 475 -18.63 -17.52 16.94
N LEU A 476 -17.73 -18.49 17.10
CA LEU A 476 -18.00 -19.60 18.03
C LEU A 476 -18.28 -19.07 19.44
N GLU A 477 -17.45 -18.13 19.91
CA GLU A 477 -17.64 -17.59 21.24
C GLU A 477 -18.95 -16.82 21.35
N LYS A 478 -19.35 -16.13 20.28
CA LYS A 478 -20.64 -15.46 20.26
C LYS A 478 -21.77 -16.47 20.36
N ALA A 479 -21.64 -17.59 19.65
CA ALA A 479 -22.66 -18.64 19.69
C ALA A 479 -22.77 -19.25 21.08
N VAL A 480 -21.63 -19.43 21.77
CA VAL A 480 -21.66 -19.96 23.13
C VAL A 480 -22.47 -19.04 24.04
N LYS A 481 -22.11 -17.75 24.05
CA LYS A 481 -22.81 -16.81 24.93
C LYS A 481 -24.29 -16.70 24.58
N SER A 482 -24.59 -16.64 23.28
CA SER A 482 -25.98 -16.56 22.85
C SER A 482 -26.77 -17.78 23.28
N ALA A 483 -26.19 -18.98 23.09
CA ALA A 483 -26.89 -20.19 23.49
C ALA A 483 -27.02 -20.31 24.99
N ALA A 484 -26.07 -19.74 25.74
CA ALA A 484 -26.13 -19.80 27.19
C ALA A 484 -27.25 -18.91 27.73
N VAL A 485 -27.45 -17.73 27.14
CA VAL A 485 -28.50 -16.86 27.65
C VAL A 485 -29.87 -17.39 27.27
N ASN A 486 -30.00 -18.00 26.09
CA ASN A 486 -31.25 -18.67 25.75
C ASN A 486 -31.52 -19.84 26.69
N ARG A 487 -30.48 -20.63 26.96
CA ARG A 487 -30.61 -21.75 27.88
C ARG A 487 -31.12 -21.30 29.24
N GLU A 488 -30.58 -20.20 29.76
CA GLU A 488 -30.97 -19.74 31.08
C GLU A 488 -32.35 -19.09 31.07
N TYR A 489 -32.69 -18.39 29.97
CA TYR A 489 -34.01 -17.78 29.88
C TYR A 489 -35.11 -18.84 29.86
N TYR A 490 -34.93 -19.87 29.04
CA TYR A 490 -35.95 -20.91 28.92
C TYR A 490 -35.94 -21.87 30.11
N ARG A 491 -34.83 -21.97 30.85
CA ARG A 491 -34.83 -22.77 32.06
C ARG A 491 -35.55 -22.05 33.20
N GLN A 492 -35.49 -20.72 33.21
CA GLN A 492 -36.30 -19.96 34.15
C GLN A 492 -37.78 -20.13 33.88
N GLN A 493 -38.15 -20.39 32.62
CA GLN A 493 -39.54 -20.57 32.27
C GLN A 493 -40.07 -21.93 32.75
N MET A 494 -39.22 -22.95 32.80
CA MET A 494 -39.65 -24.25 33.33
C MET A 494 -39.98 -24.15 34.81
N GLU A 495 -39.21 -23.35 35.55
CA GLU A 495 -39.42 -23.15 36.98
C GLU A 495 -40.70 -22.39 37.29
N GLU A 496 -41.46 -21.99 36.28
CA GLU A 496 -42.71 -21.25 36.47
C GLU A 496 -43.84 -21.86 35.64
N THR B 7 -36.91 -5.57 -5.41
CA THR B 7 -35.48 -5.69 -5.68
C THR B 7 -35.19 -5.77 -7.17
N LEU B 8 -34.04 -6.34 -7.49
CA LEU B 8 -33.54 -6.39 -8.87
C LEU B 8 -33.88 -7.72 -9.52
N LYS B 9 -34.12 -7.67 -10.83
CA LYS B 9 -34.40 -8.89 -11.57
C LYS B 9 -33.14 -9.75 -11.70
N TYR B 10 -32.01 -9.13 -12.06
CA TYR B 10 -30.75 -9.84 -12.27
C TYR B 10 -29.66 -9.24 -11.39
N PRO B 11 -29.64 -9.55 -10.10
CA PRO B 11 -28.58 -9.02 -9.25
C PRO B 11 -27.22 -9.48 -9.75
N ILE B 12 -26.27 -8.55 -9.78
CA ILE B 12 -24.90 -8.83 -10.18
C ILE B 12 -24.05 -8.83 -8.92
N GLU B 13 -23.57 -10.02 -8.53
CA GLU B 13 -22.71 -10.16 -7.37
C GLU B 13 -21.26 -10.08 -7.81
N HIS B 14 -20.53 -9.08 -7.32
CA HIS B 14 -19.16 -8.85 -7.74
C HIS B 14 -18.24 -9.87 -7.10
N GLY B 15 -17.48 -10.59 -7.92
CA GLY B 15 -16.61 -11.62 -7.38
C GLY B 15 -17.35 -12.86 -6.93
N ILE B 16 -18.40 -13.25 -7.66
CA ILE B 16 -19.21 -14.39 -7.29
C ILE B 16 -18.32 -15.63 -7.11
N ILE B 17 -18.65 -16.44 -6.13
CA ILE B 17 -17.87 -17.65 -5.84
C ILE B 17 -18.26 -18.72 -6.84
N THR B 18 -17.26 -19.25 -7.56
CA THR B 18 -17.45 -20.35 -8.49
C THR B 18 -16.58 -21.53 -8.05
N ASN B 19 -16.86 -22.71 -8.61
CA ASN B 19 -16.07 -23.89 -8.32
C ASN B 19 -14.86 -23.93 -9.25
N TRP B 20 -13.66 -24.03 -8.68
CA TRP B 20 -12.45 -24.12 -9.48
C TRP B 20 -11.91 -25.54 -9.56
N ASP B 21 -12.53 -26.48 -8.86
CA ASP B 21 -12.10 -27.89 -8.90
C ASP B 21 -12.43 -28.48 -10.26
N ASP B 22 -11.43 -28.54 -11.13
CA ASP B 22 -11.59 -29.17 -12.44
C ASP B 22 -11.66 -30.69 -12.27
N SER C 22 11.60 7.03 -31.56
CA SER C 22 12.66 7.55 -32.42
C SER C 22 13.70 8.38 -31.64
N PRO C 23 14.93 7.88 -31.57
CA PRO C 23 15.98 8.63 -30.85
C PRO C 23 16.22 10.05 -31.36
N LYS C 24 15.88 10.35 -32.62
CA LYS C 24 15.99 11.74 -33.08
C LYS C 24 14.88 12.60 -32.48
N GLU C 25 13.68 12.05 -32.34
CA GLU C 25 12.59 12.80 -31.72
C GLU C 25 12.86 13.05 -30.25
N ILE C 26 13.53 12.10 -29.58
CA ILE C 26 13.81 12.23 -28.15
C ILE C 26 14.96 13.22 -27.93
N LEU C 27 15.99 13.18 -28.79
CA LEU C 27 17.04 14.19 -28.69
C LEU C 27 16.49 15.58 -29.01
N ASN C 28 15.47 15.67 -29.85
CA ASN C 28 14.85 16.96 -30.15
C ASN C 28 14.07 17.49 -28.95
N LEU C 29 13.24 16.63 -28.33
CA LEU C 29 12.47 17.09 -27.17
C LEU C 29 13.37 17.43 -25.99
N THR C 30 14.38 16.60 -25.72
CA THR C 30 15.28 16.88 -24.60
C THR C 30 16.04 18.18 -24.82
N SER C 31 16.30 18.56 -26.07
CA SER C 31 16.93 19.85 -26.33
C SER C 31 16.02 21.00 -25.94
N GLU C 32 14.72 20.89 -26.25
CA GLU C 32 13.79 21.93 -25.84
C GLU C 32 13.57 21.92 -24.33
N LEU C 33 13.66 20.74 -23.70
CA LEU C 33 13.52 20.68 -22.24
C LEU C 33 14.71 21.31 -21.55
N LEU C 34 15.92 21.13 -22.09
CA LEU C 34 17.09 21.74 -21.48
C LEU C 34 16.99 23.27 -21.48
N GLN C 35 16.57 23.86 -22.60
CA GLN C 35 16.50 25.32 -22.67
C GLN C 35 15.33 25.86 -21.84
N LYS C 36 14.20 25.15 -21.84
CA LYS C 36 13.08 25.57 -21.00
C LYS C 36 13.45 25.54 -19.53
N CYS C 37 14.38 24.66 -19.14
CA CYS C 37 14.81 24.53 -17.76
C CYS C 37 16.10 25.29 -17.46
N SER C 38 16.91 25.58 -18.47
CA SER C 38 18.07 26.45 -18.30
C SER C 38 17.68 27.92 -18.34
N SER C 39 16.42 28.23 -18.63
CA SER C 39 15.96 29.60 -18.65
C SER C 39 15.95 30.16 -17.23
N PRO C 40 16.02 31.49 -17.09
CA PRO C 40 15.99 32.10 -15.76
C PRO C 40 14.64 31.95 -15.07
N ALA C 41 14.68 32.06 -13.74
CA ALA C 41 13.48 31.96 -12.94
C ALA C 41 12.48 33.06 -13.31
N PRO C 42 11.18 32.77 -13.26
CA PRO C 42 10.19 33.73 -13.78
C PRO C 42 9.46 34.53 -12.72
N GLY C 43 10.03 34.65 -11.53
CA GLY C 43 9.36 35.31 -10.44
C GLY C 43 8.35 34.40 -9.77
N PRO C 44 8.25 34.46 -8.44
CA PRO C 44 7.45 33.48 -7.69
C PRO C 44 5.94 33.61 -7.90
N GLY C 45 5.45 34.68 -8.56
CA GLY C 45 4.04 34.79 -8.88
C GLY C 45 3.62 34.02 -10.11
N LYS C 46 4.59 33.63 -10.94
CA LYS C 46 4.33 32.81 -12.11
C LYS C 46 5.02 31.45 -12.02
N GLU C 47 5.41 31.03 -10.82
CA GLU C 47 6.14 29.77 -10.71
C GLU C 47 5.24 28.56 -10.88
N TRP C 48 3.97 28.65 -10.51
CA TRP C 48 3.07 27.53 -10.75
C TRP C 48 2.85 27.32 -12.25
N GLU C 49 2.79 28.40 -13.01
CA GLU C 49 2.61 28.28 -14.46
C GLU C 49 3.85 27.66 -15.12
N GLU C 50 5.04 28.05 -14.68
CA GLU C 50 6.25 27.44 -15.23
C GLU C 50 6.32 25.95 -14.90
N TYR C 51 5.88 25.59 -13.70
CA TYR C 51 5.91 24.18 -13.28
C TYR C 51 5.05 23.33 -14.20
N VAL C 52 3.84 23.80 -14.52
CA VAL C 52 2.95 23.03 -15.39
C VAL C 52 3.56 22.91 -16.79
N GLN C 53 4.17 23.97 -17.29
CA GLN C 53 4.73 23.93 -18.63
C GLN C 53 5.91 22.98 -18.71
N ILE C 54 6.73 22.91 -17.65
CA ILE C 54 7.77 21.89 -17.57
C ILE C 54 7.15 20.51 -17.46
N ARG C 55 6.13 20.37 -16.59
CA ARG C 55 5.41 19.10 -16.47
C ARG C 55 4.96 18.59 -17.83
N THR C 56 4.34 19.46 -18.63
CA THR C 56 3.83 19.04 -19.92
C THR C 56 4.95 18.51 -20.81
N LEU C 57 6.10 19.16 -20.79
CA LEU C 57 7.23 18.68 -21.58
C LEU C 57 7.77 17.36 -21.04
N VAL C 58 7.95 17.26 -19.71
CA VAL C 58 8.49 16.04 -19.13
C VAL C 58 7.56 14.86 -19.41
N GLU C 59 6.26 15.06 -19.16
CA GLU C 59 5.27 14.00 -19.34
C GLU C 59 5.19 13.55 -20.80
N LYS C 60 5.25 14.50 -21.74
CA LYS C 60 5.24 14.15 -23.15
C LYS C 60 6.38 13.20 -23.50
N ILE C 61 7.57 13.45 -22.94
CA ILE C 61 8.73 12.60 -23.17
C ILE C 61 8.55 11.24 -22.49
N ARG C 62 8.07 11.27 -21.25
CA ARG C 62 7.91 10.03 -20.48
C ARG C 62 7.01 9.04 -21.21
N LYS C 63 5.92 9.52 -21.79
CA LYS C 63 4.97 8.63 -22.46
C LYS C 63 5.48 8.14 -23.81
N LYS C 64 6.45 8.83 -24.40
CA LYS C 64 7.11 8.35 -25.61
C LYS C 64 8.31 7.46 -25.30
N GLN C 65 8.44 7.02 -24.05
CA GLN C 65 9.53 6.15 -23.62
C GLN C 65 8.94 4.95 -22.89
N LYS C 66 9.83 4.02 -22.55
CA LYS C 66 9.45 2.72 -22.04
C LYS C 66 9.73 2.56 -20.55
N GLY C 67 9.44 3.61 -19.78
CA GLY C 67 9.67 3.53 -18.34
C GLY C 67 11.14 3.29 -18.03
N LEU C 68 11.38 2.47 -17.00
CA LEU C 68 12.75 2.12 -16.64
C LEU C 68 13.37 1.26 -17.74
N SER C 69 14.65 1.47 -18.00
CA SER C 69 15.32 0.71 -19.06
C SER C 69 15.53 -0.75 -18.64
N VAL C 70 15.66 -1.02 -17.35
CA VAL C 70 16.03 -2.34 -16.85
C VAL C 70 15.01 -2.73 -15.78
N THR C 71 14.30 -3.82 -16.01
CA THR C 71 13.40 -4.38 -15.02
C THR C 71 13.88 -5.77 -14.64
N PHE C 72 13.32 -6.31 -13.56
CA PHE C 72 13.73 -7.61 -13.05
C PHE C 72 12.53 -8.55 -13.01
N ASP C 73 12.77 -9.81 -13.39
CA ASP C 73 11.66 -10.76 -13.56
C ASP C 73 10.93 -11.02 -12.24
N GLY C 74 11.68 -11.15 -11.14
CA GLY C 74 11.06 -11.45 -9.87
C GLY C 74 10.53 -10.22 -9.16
N LYS C 75 9.62 -10.45 -8.22
CA LYS C 75 9.26 -9.39 -7.29
C LYS C 75 10.38 -9.20 -6.29
N ARG C 76 10.44 -8.02 -5.67
CA ARG C 76 11.68 -7.66 -5.00
C ARG C 76 11.98 -8.57 -3.81
N GLU C 77 10.96 -9.18 -3.20
CA GLU C 77 11.24 -10.13 -2.12
C GLU C 77 11.97 -11.37 -2.62
N ASP C 78 11.78 -11.76 -3.89
CA ASP C 78 12.53 -12.86 -4.45
C ASP C 78 14.03 -12.63 -4.39
N TYR C 79 14.47 -11.37 -4.27
CA TYR C 79 15.87 -10.99 -4.35
C TYR C 79 16.52 -10.74 -2.99
N PHE C 80 15.75 -10.82 -1.89
CA PHE C 80 16.31 -10.59 -0.56
C PHE C 80 17.28 -11.68 -0.11
N PRO C 81 16.99 -12.97 -0.32
CA PRO C 81 18.02 -13.97 -0.02
C PRO C 81 19.33 -13.72 -0.74
N ASP C 82 19.29 -13.17 -1.97
CA ASP C 82 20.52 -12.82 -2.66
C ASP C 82 21.22 -11.64 -2.00
N LEU C 83 20.44 -10.71 -1.44
CA LEU C 83 21.02 -9.60 -0.70
C LEU C 83 21.67 -10.07 0.59
N MET C 84 21.00 -10.96 1.32
CA MET C 84 21.56 -11.50 2.56
C MET C 84 22.85 -12.27 2.28
N LYS C 85 22.81 -13.16 1.29
CA LYS C 85 24.00 -13.96 0.97
C LYS C 85 25.16 -13.07 0.58
N TRP C 86 24.89 -12.03 -0.21
CA TRP C 86 25.93 -11.09 -0.63
C TRP C 86 26.50 -10.32 0.56
N ALA C 87 25.63 -9.84 1.45
CA ALA C 87 26.10 -9.11 2.62
C ALA C 87 26.82 -10.03 3.60
N SER C 88 26.36 -11.28 3.71
CA SER C 88 27.03 -12.24 4.60
C SER C 88 28.45 -12.52 4.12
N GLU C 89 28.63 -12.74 2.82
CA GLU C 89 29.95 -13.06 2.29
C GLU C 89 30.96 -11.95 2.56
N ASN C 90 30.50 -10.70 2.59
CA ASN C 90 31.40 -9.55 2.73
C ASN C 90 31.34 -8.91 4.10
N GLY C 91 30.88 -9.63 5.13
CA GLY C 91 31.13 -9.26 6.51
C GLY C 91 30.02 -8.52 7.22
N ALA C 92 28.87 -8.32 6.59
CA ALA C 92 27.76 -7.65 7.24
C ALA C 92 26.95 -8.63 8.08
N SER C 93 26.30 -8.11 9.12
CA SER C 93 25.41 -8.93 9.93
C SER C 93 24.12 -9.20 9.17
N VAL C 94 23.69 -10.46 9.15
CA VAL C 94 22.47 -10.87 8.46
C VAL C 94 21.54 -11.69 9.35
N GLU C 95 21.89 -11.90 10.62
CA GLU C 95 21.07 -12.70 11.52
C GLU C 95 20.34 -11.80 12.50
N GLY C 96 19.15 -12.23 12.88
CA GLY C 96 18.34 -11.55 13.87
C GLY C 96 17.15 -10.80 13.31
N PHE C 97 17.04 -10.70 11.98
CA PHE C 97 15.97 -9.92 11.39
C PHE C 97 15.56 -10.54 10.06
N GLU C 98 14.33 -10.22 9.66
CA GLU C 98 13.78 -10.62 8.37
C GLU C 98 13.18 -9.40 7.68
N MET C 99 12.96 -9.52 6.37
CA MET C 99 12.38 -8.45 5.55
C MET C 99 10.86 -8.64 5.42
N VAL C 100 10.10 -7.67 5.90
CA VAL C 100 8.64 -7.71 5.86
C VAL C 100 8.12 -6.48 5.12
N ASN C 101 7.15 -6.68 4.23
CA ASN C 101 6.43 -5.59 3.56
C ASN C 101 5.33 -5.11 4.49
N PHE C 102 5.64 -4.10 5.31
CA PHE C 102 4.63 -3.46 6.13
C PHE C 102 3.78 -2.54 5.25
N LYS C 103 2.52 -2.34 5.66
CA LYS C 103 1.66 -1.47 4.86
C LYS C 103 2.01 -0.01 5.09
N GLU C 104 2.29 0.36 6.34
CA GLU C 104 2.47 1.77 6.67
C GLU C 104 3.76 2.33 6.07
N GLU C 105 4.86 1.61 6.25
CA GLU C 105 6.18 2.12 5.87
C GLU C 105 6.76 1.48 4.61
N GLY C 106 6.08 0.50 4.02
CA GLY C 106 6.69 -0.30 2.99
C GLY C 106 7.55 -1.39 3.61
N PHE C 107 8.51 -1.88 2.83
CA PHE C 107 9.38 -2.92 3.36
C PHE C 107 10.24 -2.38 4.50
N GLY C 108 10.72 -3.29 5.33
CA GLY C 108 11.59 -2.92 6.43
C GLY C 108 12.14 -4.15 7.12
N LEU C 109 12.81 -3.92 8.25
CA LEU C 109 13.45 -4.99 9.02
C LEU C 109 12.60 -5.37 10.22
N ARG C 110 12.40 -6.67 10.44
CA ARG C 110 11.62 -7.13 11.57
C ARG C 110 12.43 -8.06 12.46
N ALA C 111 12.31 -7.86 13.76
CA ALA C 111 13.10 -8.62 14.72
C ALA C 111 12.60 -10.06 14.82
N THR C 112 13.52 -11.00 14.66
CA THR C 112 13.23 -12.41 14.89
C THR C 112 13.69 -12.89 16.26
N ARG C 113 14.56 -12.13 16.94
CA ARG C 113 14.93 -12.37 18.33
C ARG C 113 14.73 -11.09 19.11
N ASP C 114 14.67 -11.20 20.44
CA ASP C 114 14.62 -10.01 21.26
C ASP C 114 15.92 -9.24 21.09
N ILE C 115 15.81 -7.93 20.91
CA ILE C 115 16.97 -7.05 20.74
C ILE C 115 16.88 -5.98 21.81
N LYS C 116 17.94 -5.85 22.60
CA LYS C 116 17.94 -4.93 23.72
C LYS C 116 18.39 -3.54 23.29
N ALA C 117 17.86 -2.53 23.97
CA ALA C 117 18.33 -1.16 23.79
C ALA C 117 19.86 -1.11 23.90
N GLU C 118 20.47 -0.47 22.90
CA GLU C 118 21.90 -0.18 22.76
C GLU C 118 22.71 -1.35 22.21
N GLU C 119 22.12 -2.51 21.93
CA GLU C 119 22.88 -3.63 21.41
C GLU C 119 23.28 -3.38 19.96
N LEU C 120 24.54 -3.67 19.64
CA LEU C 120 25.08 -3.49 18.30
C LEU C 120 24.61 -4.65 17.42
N PHE C 121 23.49 -4.45 16.73
CA PHE C 121 22.80 -5.52 16.02
C PHE C 121 22.98 -5.49 14.50
N LEU C 122 23.58 -4.44 13.94
CA LEU C 122 23.69 -4.30 12.49
C LEU C 122 24.99 -3.59 12.15
N TRP C 123 25.76 -4.20 11.25
CA TRP C 123 27.03 -3.64 10.81
C TRP C 123 27.21 -3.95 9.33
N VAL C 124 27.77 -3.00 8.59
CA VAL C 124 27.90 -3.07 7.14
C VAL C 124 29.27 -2.53 6.74
N PRO C 125 30.23 -3.39 6.41
CA PRO C 125 31.56 -2.91 6.04
C PRO C 125 31.58 -2.08 4.76
N ARG C 126 32.66 -1.31 4.61
CA ARG C 126 32.77 -0.37 3.50
C ARG C 126 32.74 -1.08 2.16
N LYS C 127 33.34 -2.27 2.09
CA LYS C 127 33.42 -3.02 0.82
C LYS C 127 32.08 -3.08 0.10
N LEU C 128 30.97 -3.09 0.85
CA LEU C 128 29.65 -3.26 0.28
C LEU C 128 29.01 -1.95 -0.19
N LEU C 129 29.54 -0.81 0.22
CA LEU C 129 28.87 0.45 -0.01
C LEU C 129 29.02 0.91 -1.45
N MET C 130 28.10 1.78 -1.85
CA MET C 130 28.18 2.53 -3.10
C MET C 130 28.51 3.97 -2.75
N THR C 131 29.60 4.48 -3.29
CA THR C 131 30.14 5.76 -2.88
C THR C 131 30.50 6.57 -4.11
N VAL C 132 30.68 7.89 -3.90
CA VAL C 132 31.28 8.72 -4.93
C VAL C 132 32.63 8.16 -5.33
N GLU C 133 33.37 7.62 -4.35
CA GLU C 133 34.67 7.02 -4.64
C GLU C 133 34.52 5.76 -5.49
N SER C 134 33.57 4.89 -5.15
CA SER C 134 33.33 3.72 -5.98
C SER C 134 32.86 4.14 -7.36
N ALA C 135 32.10 5.23 -7.45
CA ALA C 135 31.68 5.76 -8.74
C ALA C 135 32.86 6.26 -9.55
N LYS C 136 33.82 6.94 -8.90
CA LYS C 136 35.02 7.39 -9.60
C LYS C 136 35.79 6.24 -10.23
N ASN C 137 35.78 5.05 -9.59
CA ASN C 137 36.47 3.88 -10.10
C ASN C 137 35.58 2.98 -10.94
N SER C 138 34.35 3.40 -11.22
CA SER C 138 33.41 2.56 -11.95
C SER C 138 33.52 2.81 -13.46
N VAL C 139 32.68 2.11 -14.23
CA VAL C 139 32.62 2.32 -15.67
C VAL C 139 32.21 3.76 -16.00
N LEU C 140 31.65 4.48 -15.02
CA LEU C 140 31.35 5.90 -15.14
C LEU C 140 32.58 6.77 -14.97
N GLY C 141 33.66 6.22 -14.41
CA GLY C 141 34.86 6.95 -14.08
C GLY C 141 35.38 7.92 -15.13
N PRO C 142 35.63 7.42 -16.35
CA PRO C 142 36.01 8.31 -17.46
C PRO C 142 35.09 9.51 -17.63
N LEU C 143 33.80 9.26 -17.85
CA LEU C 143 32.84 10.36 -17.98
C LEU C 143 32.83 11.23 -16.73
N TYR C 144 32.95 10.62 -15.54
CA TYR C 144 32.99 11.40 -14.31
C TYR C 144 34.15 12.39 -14.33
N SER C 145 35.33 11.96 -14.77
CA SER C 145 36.52 12.81 -14.72
C SER C 145 36.41 14.03 -15.63
N GLN C 146 35.51 14.00 -16.63
CA GLN C 146 35.46 15.04 -17.64
C GLN C 146 34.25 15.95 -17.56
N ASP C 147 33.22 15.58 -16.81
CA ASP C 147 32.01 16.38 -16.75
C ASP C 147 32.02 17.26 -15.51
N ARG C 148 31.75 18.55 -15.72
CA ARG C 148 31.80 19.52 -14.63
C ARG C 148 30.79 19.21 -13.53
N ILE C 149 29.57 18.82 -13.91
CA ILE C 149 28.52 18.60 -12.91
C ILE C 149 28.79 17.35 -12.08
N LEU C 150 29.22 16.27 -12.74
CA LEU C 150 29.51 15.04 -12.02
C LEU C 150 30.55 15.27 -10.93
N GLN C 151 31.46 16.23 -11.12
CA GLN C 151 32.53 16.46 -10.17
C GLN C 151 32.17 17.42 -9.06
N ALA C 152 31.20 18.31 -9.30
CA ALA C 152 30.77 19.23 -8.25
C ALA C 152 29.72 18.60 -7.34
N MET C 153 28.87 17.73 -7.88
CA MET C 153 27.69 17.22 -7.19
C MET C 153 27.87 15.72 -6.93
N GLY C 154 28.19 15.38 -5.68
CA GLY C 154 28.34 13.97 -5.34
C GLY C 154 27.05 13.18 -5.48
N ASN C 155 25.92 13.81 -5.16
CA ASN C 155 24.64 13.09 -5.18
C ASN C 155 24.23 12.72 -6.60
N ILE C 156 24.37 13.64 -7.56
CA ILE C 156 24.10 13.29 -8.94
C ILE C 156 25.08 12.21 -9.41
N ALA C 157 26.34 12.31 -9.00
CA ALA C 157 27.31 11.29 -9.36
C ALA C 157 26.91 9.94 -8.77
N LEU C 158 26.40 9.95 -7.55
CA LEU C 158 25.91 8.72 -6.93
C LEU C 158 24.70 8.17 -7.67
N ALA C 159 23.86 9.05 -8.21
CA ALA C 159 22.68 8.60 -8.94
C ALA C 159 23.06 7.90 -10.25
N PHE C 160 24.04 8.45 -10.97
CA PHE C 160 24.45 7.81 -12.22
C PHE C 160 25.24 6.54 -11.96
N HIS C 161 25.93 6.45 -10.82
CA HIS C 161 26.58 5.21 -10.43
C HIS C 161 25.55 4.11 -10.25
N LEU C 162 24.54 4.38 -9.43
CA LEU C 162 23.43 3.45 -9.24
C LEU C 162 22.80 3.05 -10.57
N LEU C 163 22.66 4.00 -11.50
CA LEU C 163 22.06 3.68 -12.80
C LEU C 163 22.96 2.79 -13.64
N CYS C 164 24.26 3.07 -13.65
CA CYS C 164 25.18 2.30 -14.50
C CYS C 164 25.36 0.89 -13.99
N GLU C 165 25.39 0.70 -12.66
CA GLU C 165 25.43 -0.66 -12.14
C GLU C 165 24.12 -1.38 -12.39
N ARG C 166 23.00 -0.67 -12.31
CA ARG C 166 21.70 -1.28 -12.59
C ARG C 166 21.65 -1.84 -14.00
N ALA C 167 22.19 -1.11 -14.97
CA ALA C 167 22.25 -1.57 -16.35
C ALA C 167 23.36 -2.57 -16.61
N SER C 168 24.19 -2.89 -15.60
CA SER C 168 25.28 -3.83 -15.79
C SER C 168 24.86 -5.23 -15.36
N PRO C 169 25.10 -6.24 -16.18
CA PRO C 169 24.62 -7.59 -15.83
C PRO C 169 25.35 -8.18 -14.63
N ASN C 170 26.67 -8.00 -14.54
CA ASN C 170 27.50 -8.65 -13.54
C ASN C 170 27.95 -7.69 -12.45
N SER C 171 27.21 -6.60 -12.23
CA SER C 171 27.65 -5.61 -11.26
C SER C 171 27.78 -6.22 -9.88
N PHE C 172 28.85 -5.85 -9.18
CA PHE C 172 29.06 -6.33 -7.82
C PHE C 172 27.89 -5.97 -6.92
N TRP C 173 27.19 -4.87 -7.21
CA TRP C 173 26.11 -4.38 -6.36
C TRP C 173 24.74 -4.85 -6.84
N GLN C 174 24.70 -5.79 -7.77
CA GLN C 174 23.41 -6.30 -8.26
C GLN C 174 22.52 -6.85 -7.15
N PRO C 175 23.03 -7.52 -6.10
CA PRO C 175 22.13 -7.93 -5.00
C PRO C 175 21.44 -6.78 -4.30
N TYR C 176 22.07 -5.61 -4.26
CA TYR C 176 21.46 -4.44 -3.63
C TYR C 176 20.44 -3.78 -4.55
N ILE C 177 20.81 -3.59 -5.82
CA ILE C 177 19.97 -2.82 -6.72
C ILE C 177 18.68 -3.57 -7.00
N GLN C 178 18.74 -4.90 -7.08
CA GLN C 178 17.55 -5.69 -7.35
C GLN C 178 16.60 -5.74 -6.17
N THR C 179 16.97 -5.19 -5.02
CA THR C 179 16.07 -5.11 -3.89
C THR C 179 15.60 -3.69 -3.63
N LEU C 180 16.12 -2.70 -4.35
CA LEU C 180 15.60 -1.34 -4.24
C LEU C 180 14.15 -1.29 -4.72
N PRO C 181 13.36 -0.32 -4.24
CA PRO C 181 12.02 -0.12 -4.79
C PRO C 181 12.10 0.28 -6.26
N SER C 182 10.94 0.23 -6.91
CA SER C 182 10.82 0.61 -8.31
C SER C 182 10.13 1.95 -8.49
N GLU C 183 9.66 2.57 -7.41
CA GLU C 183 9.10 3.91 -7.47
C GLU C 183 9.03 4.44 -6.04
N TYR C 184 8.81 5.75 -5.92
CA TYR C 184 8.87 6.43 -4.63
C TYR C 184 7.73 7.42 -4.51
N ASP C 185 7.56 7.94 -3.31
CA ASP C 185 6.57 8.97 -3.04
C ASP C 185 7.17 10.37 -2.90
N THR C 186 8.35 10.61 -3.50
CA THR C 186 8.85 11.96 -3.66
C THR C 186 7.94 12.75 -4.58
N PRO C 187 7.93 14.08 -4.49
CA PRO C 187 7.02 14.87 -5.34
C PRO C 187 7.26 14.70 -6.84
N LEU C 188 8.44 14.19 -7.24
CA LEU C 188 8.67 13.91 -8.65
C LEU C 188 7.62 12.96 -9.21
N TYR C 189 7.02 12.14 -8.36
CA TYR C 189 6.05 11.14 -8.75
C TYR C 189 4.61 11.60 -8.55
N PHE C 190 4.40 12.80 -8.01
CA PHE C 190 3.05 13.29 -7.78
C PHE C 190 2.35 13.60 -9.10
N GLU C 191 1.02 13.56 -9.04
CA GLU C 191 0.20 14.10 -10.11
C GLU C 191 0.03 15.60 -9.91
N GLU C 192 -0.35 16.28 -11.00
CA GLU C 192 -0.43 17.74 -10.97
C GLU C 192 -1.37 18.22 -9.87
N ASP C 193 -2.53 17.59 -9.73
CA ASP C 193 -3.51 18.05 -8.75
C ASP C 193 -3.12 17.74 -7.32
N GLU C 194 -2.16 16.83 -7.11
CA GLU C 194 -1.67 16.58 -5.76
C GLU C 194 -0.68 17.64 -5.33
N VAL C 195 0.13 18.15 -6.26
CA VAL C 195 0.96 19.31 -6.00
C VAL C 195 0.09 20.55 -5.80
N ARG C 196 -1.06 20.61 -6.45
CA ARG C 196 -1.91 21.80 -6.35
C ARG C 196 -2.31 22.07 -4.91
N TYR C 197 -2.45 21.03 -4.09
CA TYR C 197 -2.84 21.23 -2.70
C TYR C 197 -1.85 22.11 -1.95
N LEU C 198 -0.61 22.20 -2.42
CA LEU C 198 0.43 22.97 -1.76
C LEU C 198 0.50 24.43 -2.23
N GLN C 199 -0.43 24.88 -3.07
CA GLN C 199 -0.42 26.27 -3.48
C GLN C 199 -0.58 27.17 -2.25
N SER C 200 0.19 28.27 -2.25
CA SER C 200 0.25 29.31 -1.22
C SER C 200 1.02 28.88 0.03
N THR C 201 1.79 27.79 -0.03
CA THR C 201 2.62 27.34 1.09
C THR C 201 4.09 27.66 0.83
N GLN C 202 4.90 27.57 1.89
CA GLN C 202 6.35 27.67 1.73
C GLN C 202 6.89 26.53 0.86
N ALA C 203 6.46 25.30 1.15
CA ALA C 203 7.09 24.09 0.64
C ALA C 203 6.96 23.94 -0.87
N ILE C 204 5.93 24.51 -1.50
CA ILE C 204 5.72 24.26 -2.92
C ILE C 204 6.87 24.79 -3.75
N HIS C 205 7.63 25.75 -3.22
CA HIS C 205 8.71 26.34 -4.00
C HIS C 205 9.92 25.41 -4.07
N ASP C 206 10.19 24.65 -3.01
CA ASP C 206 11.22 23.62 -3.07
C ASP C 206 10.78 22.47 -3.97
N VAL C 207 9.47 22.22 -4.08
CA VAL C 207 8.95 21.24 -5.03
C VAL C 207 9.20 21.72 -6.46
N PHE C 208 8.91 22.99 -6.74
CA PHE C 208 9.17 23.55 -8.06
C PHE C 208 10.64 23.37 -8.45
N SER C 209 11.55 23.72 -7.54
CA SER C 209 12.98 23.58 -7.81
C SER C 209 13.38 22.14 -8.03
N GLN C 210 12.82 21.21 -7.23
CA GLN C 210 13.13 19.80 -7.43
C GLN C 210 12.78 19.35 -8.84
N TYR C 211 11.59 19.74 -9.32
CA TYR C 211 11.14 19.29 -10.62
C TYR C 211 11.96 19.92 -11.74
N LYS C 212 12.22 21.23 -11.62
CA LYS C 212 13.05 21.94 -12.61
C LYS C 212 14.47 21.38 -12.63
N ASN C 213 15.11 21.27 -11.46
CA ASN C 213 16.45 20.70 -11.37
C ASN C 213 16.51 19.33 -12.01
N THR C 214 15.55 18.47 -11.69
CA THR C 214 15.59 17.09 -12.18
C THR C 214 15.37 17.04 -13.68
N ALA C 215 14.42 17.85 -14.18
CA ALA C 215 14.21 17.91 -15.63
C ALA C 215 15.45 18.41 -16.35
N ARG C 216 16.06 19.48 -15.82
CA ARG C 216 17.24 20.06 -16.45
C ARG C 216 18.39 19.07 -16.50
N GLN C 217 18.62 18.36 -15.39
CA GLN C 217 19.75 17.43 -15.33
C GLN C 217 19.54 16.26 -16.29
N TYR C 218 18.31 15.76 -16.41
CA TYR C 218 18.04 14.71 -17.38
C TYR C 218 18.35 15.19 -18.79
N ALA C 219 17.88 16.37 -19.14
CA ALA C 219 18.11 16.90 -20.49
C ALA C 219 19.58 17.17 -20.73
N TYR C 220 20.29 17.72 -19.73
CA TYR C 220 21.72 17.94 -19.87
C TYR C 220 22.47 16.61 -20.03
N PHE C 221 22.11 15.60 -19.24
CA PHE C 221 22.88 14.38 -19.29
C PHE C 221 22.45 13.46 -20.43
N TYR C 222 21.20 13.54 -20.88
CA TYR C 222 20.83 12.82 -22.09
C TYR C 222 21.68 13.29 -23.27
N LYS C 223 22.00 14.59 -23.31
CA LYS C 223 22.83 15.13 -24.38
C LYS C 223 24.30 14.78 -24.19
N VAL C 224 24.81 14.89 -22.95
CA VAL C 224 26.19 14.51 -22.69
C VAL C 224 26.41 13.04 -23.06
N ILE C 225 25.44 12.19 -22.74
CA ILE C 225 25.58 10.76 -23.02
C ILE C 225 25.80 10.52 -24.52
N GLN C 226 25.08 11.25 -25.37
CA GLN C 226 25.11 10.94 -26.79
C GLN C 226 26.34 11.50 -27.49
N THR C 227 26.90 12.61 -27.01
CA THR C 227 28.05 13.24 -27.67
C THR C 227 29.39 12.84 -27.08
N HIS C 228 29.48 12.69 -25.77
CA HIS C 228 30.78 12.54 -25.14
C HIS C 228 31.43 11.22 -25.54
N PRO C 229 32.71 11.23 -25.90
CA PRO C 229 33.38 9.96 -26.22
C PRO C 229 33.48 9.01 -25.04
N HIS C 230 33.60 9.52 -23.81
CA HIS C 230 33.69 8.64 -22.65
C HIS C 230 32.36 7.99 -22.30
N ALA C 231 31.27 8.43 -22.92
CA ALA C 231 29.95 7.89 -22.62
C ALA C 231 29.53 6.76 -23.56
N ASN C 232 30.40 6.34 -24.48
CA ASN C 232 29.98 5.34 -25.46
C ASN C 232 30.13 3.90 -24.98
N LYS C 233 30.97 3.64 -23.98
CA LYS C 233 31.02 2.32 -23.39
C LYS C 233 30.09 2.19 -22.19
N LEU C 234 29.56 3.30 -21.69
CA LEU C 234 28.46 3.24 -20.75
C LEU C 234 27.28 2.52 -21.39
N PRO C 235 26.50 1.77 -20.61
CA PRO C 235 25.26 1.20 -21.14
C PRO C 235 24.11 2.20 -21.24
N LEU C 236 24.23 3.35 -20.56
CA LEU C 236 23.21 4.39 -20.67
C LEU C 236 23.11 4.96 -22.08
N LYS C 237 24.10 4.71 -22.94
CA LYS C 237 24.07 5.25 -24.29
C LYS C 237 22.91 4.69 -25.08
N ASP C 238 22.60 3.41 -24.89
CA ASP C 238 21.51 2.78 -25.63
C ASP C 238 20.16 2.97 -24.98
N SER C 239 20.12 3.32 -23.69
CA SER C 239 18.83 3.54 -23.03
C SER C 239 19.04 4.37 -21.76
N PHE C 240 18.47 5.57 -21.74
CA PHE C 240 18.49 6.46 -20.58
C PHE C 240 17.21 7.28 -20.62
N THR C 241 16.14 6.71 -20.04
CA THR C 241 14.83 7.34 -20.06
C THR C 241 14.65 8.24 -18.85
N TYR C 242 13.70 9.19 -18.95
CA TYR C 242 13.47 10.10 -17.83
C TYR C 242 13.09 9.33 -16.57
N GLU C 243 12.32 8.25 -16.72
CA GLU C 243 12.01 7.37 -15.59
C GLU C 243 13.28 6.89 -14.90
N ASP C 244 14.30 6.51 -15.68
CA ASP C 244 15.58 6.11 -15.10
C ASP C 244 16.14 7.20 -14.19
N TYR C 245 16.18 8.45 -14.69
CA TYR C 245 16.79 9.51 -13.90
C TYR C 245 15.95 9.84 -12.68
N ARG C 246 14.62 9.81 -12.82
CA ARG C 246 13.77 10.04 -11.66
C ARG C 246 13.97 8.97 -10.59
N TRP C 247 13.99 7.70 -10.99
CA TRP C 247 14.21 6.64 -10.03
C TRP C 247 15.58 6.76 -9.38
N ALA C 248 16.60 7.09 -10.18
CA ALA C 248 17.96 7.20 -9.66
C ALA C 248 18.05 8.28 -8.58
N VAL C 249 17.70 9.53 -8.94
CA VAL C 249 17.80 10.60 -7.96
C VAL C 249 16.91 10.30 -6.75
N SER C 250 15.72 9.74 -6.99
CA SER C 250 14.83 9.48 -5.86
C SER C 250 15.36 8.38 -4.95
N SER C 251 16.03 7.37 -5.54
CA SER C 251 16.71 6.37 -4.72
C SER C 251 17.79 7.02 -3.86
N VAL C 252 18.62 7.87 -4.48
CA VAL C 252 19.69 8.53 -3.75
C VAL C 252 19.10 9.51 -2.72
N MET C 253 18.16 10.33 -3.16
CA MET C 253 17.52 11.32 -2.30
C MET C 253 17.00 10.72 -1.01
N THR C 254 16.36 9.55 -1.10
CA THR C 254 15.66 8.96 0.03
C THR C 254 16.54 8.04 0.87
N ARG C 255 17.75 7.72 0.41
CA ARG C 255 18.59 6.73 1.08
C ARG C 255 20.05 7.13 1.34
N GLN C 256 20.54 8.24 0.78
CA GLN C 256 21.98 8.51 0.80
C GLN C 256 22.46 9.00 2.16
N ASN C 257 23.76 8.88 2.38
CA ASN C 257 24.38 9.14 3.68
C ASN C 257 25.75 9.76 3.51
N GLN C 258 26.26 10.33 4.60
CA GLN C 258 27.57 10.95 4.62
C GLN C 258 28.48 10.13 5.52
N ILE C 259 29.49 9.50 4.93
CA ILE C 259 30.47 8.73 5.72
C ILE C 259 31.86 9.33 5.52
N PRO C 260 32.76 9.22 6.51
CA PRO C 260 34.13 9.67 6.29
C PRO C 260 34.85 8.79 5.28
N THR C 261 35.86 9.36 4.63
CA THR C 261 36.77 8.56 3.83
C THR C 261 37.63 7.68 4.74
N GLU C 262 38.29 6.70 4.13
CA GLU C 262 39.07 5.74 4.91
C GLU C 262 40.16 6.42 5.73
N ASP C 263 40.74 7.51 5.21
CA ASP C 263 41.73 8.26 5.98
C ASP C 263 41.09 8.99 7.16
N GLY C 264 39.79 9.28 7.08
CA GLY C 264 39.10 10.01 8.11
C GLY C 264 39.18 11.52 7.98
N SER C 265 39.88 12.04 6.96
CA SER C 265 40.06 13.48 6.84
C SER C 265 38.76 14.15 6.40
N ARG C 266 38.23 13.74 5.24
CA ARG C 266 37.08 14.37 4.59
C ARG C 266 35.85 13.47 4.64
N VAL C 267 34.83 13.82 3.85
CA VAL C 267 33.56 13.13 3.84
C VAL C 267 33.20 12.75 2.40
N THR C 268 32.20 11.88 2.28
CA THR C 268 31.75 11.39 0.99
C THR C 268 30.30 10.95 1.13
N LEU C 269 29.61 10.85 0.00
CA LEU C 269 28.22 10.39 -0.01
C LEU C 269 28.18 8.90 -0.36
N ALA C 270 27.31 8.16 0.33
CA ALA C 270 27.28 6.72 0.20
C ALA C 270 25.86 6.17 0.27
N LEU C 271 25.65 5.04 -0.43
CA LEU C 271 24.50 4.17 -0.22
C LEU C 271 24.92 2.97 0.63
N ILE C 272 24.13 2.65 1.65
CA ILE C 272 24.49 1.63 2.62
C ILE C 272 23.48 0.48 2.53
N PRO C 273 23.84 -0.60 1.82
CA PRO C 273 22.90 -1.73 1.67
C PRO C 273 22.49 -2.34 3.01
N LEU C 274 21.34 -3.01 2.98
CA LEU C 274 20.80 -3.74 4.13
C LEU C 274 20.40 -2.84 5.28
N TRP C 275 21.27 -1.92 5.69
CA TRP C 275 20.90 -1.03 6.79
C TRP C 275 19.85 -0.01 6.33
N ASP C 276 19.94 0.47 5.08
CA ASP C 276 19.00 1.50 4.65
C ASP C 276 17.58 0.98 4.51
N MET C 277 17.34 -0.29 4.81
CA MET C 277 16.01 -0.87 4.85
C MET C 277 15.24 -0.49 6.11
N CYS C 278 15.85 0.24 7.04
CA CYS C 278 15.19 0.57 8.29
C CYS C 278 14.29 1.79 8.12
N ASN C 279 13.05 1.67 8.57
CA ASN C 279 12.17 2.83 8.52
C ASN C 279 12.36 3.69 9.77
N HIS C 280 11.75 4.86 9.76
CA HIS C 280 12.07 5.95 10.67
C HIS C 280 11.13 5.96 11.88
N THR C 281 11.67 6.34 13.04
CA THR C 281 10.85 6.71 14.19
C THR C 281 11.56 7.79 14.97
N ASN C 282 10.88 8.35 15.96
CA ASN C 282 11.46 9.45 16.75
C ASN C 282 12.50 8.92 17.74
N GLY C 283 13.49 9.74 18.01
CA GLY C 283 14.55 9.36 18.93
C GLY C 283 15.85 10.03 18.55
N LEU C 284 16.96 9.36 18.87
CA LEU C 284 18.30 9.86 18.61
C LEU C 284 18.99 8.98 17.60
N ILE C 285 19.97 9.57 16.90
CA ILE C 285 20.77 8.80 15.97
C ILE C 285 21.56 7.76 16.74
N THR C 286 21.46 6.51 16.32
CA THR C 286 22.23 5.42 16.90
C THR C 286 23.12 4.74 15.85
N THR C 287 23.19 5.29 14.66
CA THR C 287 24.03 4.77 13.59
C THR C 287 25.26 5.68 13.45
N GLY C 288 26.44 5.09 13.68
CA GLY C 288 27.68 5.79 13.45
C GLY C 288 28.59 4.97 12.58
N TYR C 289 29.62 5.62 12.04
CA TYR C 289 30.67 4.94 11.31
C TYR C 289 31.84 4.68 12.25
N ASN C 290 32.38 3.46 12.19
CA ASN C 290 33.52 3.05 12.99
C ASN C 290 34.73 2.95 12.06
N LEU C 291 35.61 3.94 12.14
CA LEU C 291 36.72 4.03 11.20
C LEU C 291 37.74 2.91 11.42
N GLU C 292 37.91 2.46 12.66
CA GLU C 292 38.91 1.44 12.96
C GLU C 292 38.63 0.15 12.19
N ASP C 293 37.38 -0.31 12.21
CA ASP C 293 37.01 -1.55 11.54
C ASP C 293 36.38 -1.33 10.15
N ASP C 294 36.36 -0.09 9.66
CA ASP C 294 35.89 0.25 8.33
C ASP C 294 34.49 -0.31 8.07
N ARG C 295 33.54 0.12 8.90
CA ARG C 295 32.17 -0.37 8.73
C ARG C 295 31.18 0.61 9.36
N CYS C 296 29.95 0.55 8.86
CA CYS C 296 28.82 1.23 9.49
C CYS C 296 28.26 0.36 10.61
N GLU C 297 28.05 0.95 11.77
CA GLU C 297 27.53 0.22 12.93
C GLU C 297 26.27 0.90 13.42
N CYS C 298 25.26 0.10 13.76
CA CYS C 298 23.98 0.64 14.25
C CYS C 298 23.57 -0.10 15.51
N VAL C 299 23.37 0.64 16.59
CA VAL C 299 22.91 0.05 17.84
C VAL C 299 21.40 0.27 17.93
N ALA C 300 20.73 -0.62 18.65
CA ALA C 300 19.27 -0.57 18.74
C ALA C 300 18.83 0.66 19.50
N LEU C 301 17.87 1.40 18.93
CA LEU C 301 17.38 2.62 19.55
C LEU C 301 16.49 2.33 20.77
N GLN C 302 15.79 1.20 20.75
CA GLN C 302 14.94 0.78 21.86
C GLN C 302 14.98 -0.74 21.94
N ASP C 303 14.30 -1.31 22.93
CA ASP C 303 14.09 -2.74 22.96
C ASP C 303 13.12 -3.15 21.86
N PHE C 304 13.53 -4.10 21.03
CA PHE C 304 12.68 -4.67 19.99
C PHE C 304 12.47 -6.14 20.31
N ARG C 305 11.23 -6.48 20.69
CA ARG C 305 10.89 -7.89 20.84
C ARG C 305 10.94 -8.59 19.49
N ALA C 306 10.97 -9.92 19.54
CA ALA C 306 10.75 -10.70 18.33
C ALA C 306 9.37 -10.39 17.79
N GLY C 307 9.27 -10.17 16.47
CA GLY C 307 8.02 -9.80 15.85
C GLY C 307 7.80 -8.30 15.67
N GLU C 308 8.60 -7.46 16.33
CA GLU C 308 8.49 -6.01 16.18
C GLU C 308 9.41 -5.52 15.07
N GLN C 309 8.97 -4.45 14.40
CA GLN C 309 9.77 -3.84 13.35
C GLN C 309 10.96 -3.09 13.94
N ILE C 310 12.07 -3.10 13.21
CA ILE C 310 13.27 -2.37 13.61
C ILE C 310 13.19 -0.97 13.02
N TYR C 311 13.18 0.05 13.87
CA TYR C 311 13.26 1.43 13.43
C TYR C 311 14.59 2.05 13.85
N ILE C 312 14.98 3.12 13.14
CA ILE C 312 16.06 3.98 13.54
C ILE C 312 15.57 5.42 13.41
N PHE C 313 16.34 6.34 14.00
CA PHE C 313 16.10 7.77 13.81
C PHE C 313 16.88 8.23 12.59
N TYR C 314 16.19 8.81 11.61
CA TYR C 314 16.85 9.25 10.39
C TYR C 314 17.69 10.51 10.63
N GLY C 315 17.20 11.39 11.48
CA GLY C 315 17.86 12.66 11.75
C GLY C 315 16.86 13.79 11.79
N THR C 316 17.28 14.89 12.43
CA THR C 316 16.47 16.10 12.53
C THR C 316 16.16 16.66 11.14
N ARG C 317 14.89 16.63 10.75
CA ARG C 317 14.46 17.11 9.45
C ARG C 317 13.05 17.68 9.58
N SER C 318 12.79 18.75 8.85
CA SER C 318 11.44 19.30 8.84
C SER C 318 10.51 18.37 8.06
N ASN C 319 9.20 18.60 8.24
CA ASN C 319 8.24 17.84 7.46
C ASN C 319 8.35 18.16 5.97
N ALA C 320 8.73 19.39 5.63
CA ALA C 320 8.96 19.72 4.23
C ALA C 320 10.07 18.87 3.64
N GLU C 321 11.16 18.66 4.39
CA GLU C 321 12.25 17.81 3.94
C GLU C 321 11.84 16.34 3.88
N PHE C 322 11.12 15.85 4.90
CA PHE C 322 10.61 14.48 4.88
C PHE C 322 9.82 14.20 3.60
N VAL C 323 8.91 15.11 3.25
CA VAL C 323 8.10 14.94 2.04
C VAL C 323 8.97 14.99 0.79
N ILE C 324 9.74 16.07 0.64
CA ILE C 324 10.37 16.37 -0.64
C ILE C 324 11.54 15.43 -0.91
N HIS C 325 12.31 15.08 0.13
CA HIS C 325 13.54 14.32 -0.06
C HIS C 325 13.47 12.87 0.43
N SER C 326 12.58 12.56 1.36
CA SER C 326 12.45 11.21 1.89
C SER C 326 11.17 10.51 1.47
N GLY C 327 10.25 11.23 0.82
CA GLY C 327 9.08 10.62 0.22
C GLY C 327 8.04 10.09 1.20
N PHE C 328 7.83 10.78 2.31
CA PHE C 328 6.76 10.45 3.23
C PHE C 328 6.56 11.61 4.20
N PHE C 329 5.47 11.54 4.97
CA PHE C 329 5.13 12.52 5.98
C PHE C 329 5.13 11.82 7.33
N PHE C 330 5.92 12.33 8.27
CA PHE C 330 6.00 11.75 9.59
C PHE C 330 5.11 12.53 10.55
N ASP C 331 4.25 11.81 11.29
CA ASP C 331 3.19 12.39 12.08
C ASP C 331 3.59 12.71 13.52
N ASN C 332 4.79 12.33 13.94
CA ASN C 332 5.27 12.55 15.30
C ASN C 332 6.59 13.32 15.28
N ASN C 333 6.73 14.26 14.35
CA ASN C 333 8.02 14.90 14.07
C ASN C 333 8.20 16.13 14.96
N SER C 334 8.93 15.97 16.05
CA SER C 334 9.19 17.07 16.96
C SER C 334 10.23 18.05 16.44
N HIS C 335 10.75 17.83 15.22
CA HIS C 335 11.77 18.69 14.64
C HIS C 335 11.26 19.49 13.45
N ASP C 336 9.95 19.60 13.29
CA ASP C 336 9.37 20.31 12.15
C ASP C 336 9.51 21.81 12.33
N ARG C 337 9.67 22.51 11.22
CA ARG C 337 9.93 23.95 11.25
C ARG C 337 9.47 24.58 9.94
N VAL C 338 9.23 25.90 9.99
CA VAL C 338 8.95 26.69 8.81
C VAL C 338 9.99 27.79 8.73
N LYS C 339 10.26 28.27 7.51
CA LYS C 339 11.15 29.40 7.31
C LYS C 339 10.41 30.71 7.60
N ILE C 340 11.17 31.72 8.00
CA ILE C 340 10.61 33.05 8.21
C ILE C 340 11.69 34.07 7.86
N LYS C 341 11.41 34.90 6.87
CA LYS C 341 12.40 35.83 6.35
C LYS C 341 12.26 37.18 7.06
N LEU C 342 13.33 37.60 7.73
CA LEU C 342 13.33 38.85 8.47
C LEU C 342 14.63 39.57 8.20
N GLY C 343 14.53 40.89 7.99
CA GLY C 343 15.69 41.74 7.94
C GLY C 343 15.40 43.05 8.65
N VAL C 344 16.43 43.86 8.80
CA VAL C 344 16.27 45.22 9.30
C VAL C 344 16.02 46.16 8.12
N SER C 345 14.95 46.95 8.21
CA SER C 345 14.55 47.78 7.08
C SER C 345 15.52 48.95 6.92
N LYS C 346 15.97 49.18 5.68
CA LYS C 346 16.91 50.26 5.41
C LYS C 346 16.33 51.64 5.71
N SER C 347 15.01 51.75 5.92
CA SER C 347 14.42 53.00 6.36
C SER C 347 14.49 53.20 7.87
N ASP C 348 14.71 52.13 8.63
CA ASP C 348 14.81 52.25 10.09
C ASP C 348 15.92 53.25 10.44
N ARG C 349 15.55 54.30 11.16
CA ARG C 349 16.51 55.35 11.49
C ARG C 349 17.66 54.86 12.35
N LEU C 350 17.57 53.64 12.90
CA LEU C 350 18.66 53.02 13.65
C LEU C 350 19.29 51.87 12.88
N TYR C 351 19.17 51.90 11.55
CA TYR C 351 19.61 50.77 10.73
C TYR C 351 21.07 50.43 10.97
N ALA C 352 21.94 51.44 10.97
CA ALA C 352 23.38 51.18 11.06
C ALA C 352 23.76 50.61 12.42
N MET C 353 23.18 51.13 13.50
CA MET C 353 23.47 50.60 14.82
C MET C 353 22.98 49.17 14.96
N LYS C 354 21.77 48.87 14.46
CA LYS C 354 21.27 47.50 14.53
C LYS C 354 22.10 46.56 13.67
N ALA C 355 22.48 46.99 12.47
CA ALA C 355 23.33 46.15 11.63
C ALA C 355 24.66 45.86 12.29
N GLU C 356 25.21 46.84 13.02
CA GLU C 356 26.52 46.66 13.63
C GLU C 356 26.45 45.69 14.82
N VAL C 357 25.42 45.83 15.67
CA VAL C 357 25.27 44.89 16.78
C VAL C 357 25.12 43.47 16.25
N LEU C 358 24.30 43.30 15.21
CA LEU C 358 24.13 41.98 14.61
C LEU C 358 25.43 41.46 14.03
N ALA C 359 26.20 42.33 13.37
CA ALA C 359 27.49 41.92 12.81
C ALA C 359 28.44 41.46 13.91
N ARG C 360 28.47 42.18 15.03
CA ARG C 360 29.32 41.76 16.15
C ARG C 360 28.79 40.51 16.83
N ALA C 361 27.52 40.16 16.61
CA ALA C 361 26.93 38.96 17.18
C ALA C 361 26.92 37.80 16.19
N GLY C 362 27.48 37.98 15.00
CA GLY C 362 27.51 36.90 14.03
C GLY C 362 26.17 36.59 13.40
N ILE C 363 25.35 37.62 13.16
CA ILE C 363 24.02 37.46 12.59
C ILE C 363 23.91 38.40 11.39
N PRO C 364 23.42 37.93 10.25
CA PRO C 364 23.29 38.82 9.09
C PRO C 364 22.18 39.84 9.31
N THR C 365 22.23 40.92 8.54
CA THR C 365 21.24 41.97 8.69
C THR C 365 19.89 41.55 8.15
N SER C 366 19.87 40.69 7.13
CA SER C 366 18.69 40.03 6.63
C SER C 366 18.98 38.55 6.50
N SER C 367 18.01 37.71 6.82
CA SER C 367 18.29 36.29 6.92
C SER C 367 16.98 35.49 6.89
N VAL C 368 17.12 34.19 6.64
CA VAL C 368 16.01 33.25 6.74
C VAL C 368 16.17 32.47 8.03
N PHE C 369 15.27 32.73 8.98
CA PHE C 369 15.28 32.05 10.27
C PHE C 369 14.28 30.89 10.26
N ALA C 370 14.02 30.32 11.42
CA ALA C 370 13.11 29.20 11.53
C ALA C 370 12.16 29.41 12.71
N LEU C 371 10.96 28.84 12.58
CA LEU C 371 10.01 28.67 13.66
C LEU C 371 9.84 27.18 13.90
N HIS C 372 9.97 26.74 15.15
CA HIS C 372 10.05 25.31 15.47
C HIS C 372 8.75 24.82 16.08
N PHE C 373 8.55 23.50 15.98
CA PHE C 373 7.35 22.89 16.55
C PHE C 373 7.45 22.72 18.06
N THR C 374 8.65 22.49 18.57
CA THR C 374 8.85 22.33 20.00
C THR C 374 9.05 23.68 20.68
N GLU C 375 8.66 23.76 21.94
CA GLU C 375 8.94 24.94 22.74
C GLU C 375 10.43 25.01 23.05
N PRO C 376 11.09 26.15 22.82
CA PRO C 376 10.52 27.41 22.30
C PRO C 376 10.49 27.50 20.77
N PRO C 377 9.53 28.27 20.24
CA PRO C 377 9.45 28.43 18.78
C PRO C 377 10.69 29.03 18.13
N ILE C 378 11.45 29.85 18.82
CA ILE C 378 12.58 30.56 18.23
C ILE C 378 13.89 30.06 18.85
N SER C 379 14.92 29.99 18.03
CA SER C 379 16.25 29.60 18.47
C SER C 379 16.95 30.77 19.15
N ALA C 380 18.14 30.49 19.69
CA ALA C 380 18.95 31.55 20.30
C ALA C 380 19.31 32.63 19.27
N GLN C 381 19.60 32.22 18.04
CA GLN C 381 19.97 33.20 17.03
C GLN C 381 18.79 34.09 16.66
N LEU C 382 17.57 33.52 16.61
CA LEU C 382 16.41 34.34 16.29
C LEU C 382 16.02 35.21 17.48
N LEU C 383 16.10 34.67 18.69
CA LEU C 383 15.84 35.50 19.86
C LEU C 383 16.77 36.71 19.90
N ALA C 384 18.04 36.51 19.54
CA ALA C 384 18.98 37.62 19.50
C ALA C 384 18.59 38.65 18.43
N PHE C 385 18.16 38.18 17.26
CA PHE C 385 17.78 39.10 16.19
C PHE C 385 16.54 39.90 16.57
N LEU C 386 15.52 39.25 17.15
CA LEU C 386 14.34 39.97 17.58
C LEU C 386 14.67 41.00 18.65
N ARG C 387 15.70 40.74 19.46
CA ARG C 387 16.08 41.71 20.50
C ARG C 387 16.72 42.94 19.89
N VAL C 388 17.65 42.74 18.94
CA VAL C 388 18.27 43.88 18.28
C VAL C 388 17.24 44.63 17.44
N PHE C 389 16.34 43.89 16.78
CA PHE C 389 15.34 44.47 15.90
C PHE C 389 14.48 45.50 16.62
N CYS C 390 14.23 45.29 17.91
CA CYS C 390 13.33 46.13 18.71
C CYS C 390 14.08 46.95 19.76
N MET C 391 15.36 47.23 19.55
CA MET C 391 16.12 47.94 20.55
C MET C 391 15.97 49.45 20.37
N THR C 392 15.99 50.16 21.49
CA THR C 392 16.07 51.62 21.53
C THR C 392 17.53 52.05 21.35
N GLU C 393 17.76 53.38 21.34
CA GLU C 393 19.12 53.88 21.18
C GLU C 393 19.98 53.54 22.39
N GLU C 394 19.47 53.82 23.60
CA GLU C 394 20.24 53.54 24.81
C GLU C 394 20.66 52.08 24.87
N GLU C 395 19.79 51.18 24.42
CA GLU C 395 20.09 49.75 24.47
C GLU C 395 21.11 49.37 23.41
N LEU C 396 21.04 49.98 22.22
CA LEU C 396 22.06 49.72 21.22
C LEU C 396 23.43 50.22 21.69
N LYS C 397 23.48 51.41 22.30
CA LYS C 397 24.74 51.91 22.85
C LYS C 397 25.30 50.95 23.90
N GLU C 398 24.43 50.29 24.65
CA GLU C 398 24.90 49.31 25.64
C GLU C 398 25.63 48.15 24.99
N HIS C 399 25.28 47.83 23.75
CA HIS C 399 25.83 46.69 23.03
C HIS C 399 26.93 47.09 22.06
N LEU C 400 27.27 48.37 21.99
CA LEU C 400 28.26 48.89 21.06
C LEU C 400 29.47 49.50 21.76
N LEU C 401 29.27 50.24 22.85
CA LEU C 401 30.34 50.95 23.52
C LEU C 401 30.50 50.46 24.96
N GLY C 402 31.74 50.28 25.38
CA GLY C 402 32.06 50.17 26.78
C GLY C 402 32.62 48.82 27.16
N ASP C 403 33.07 48.76 28.42
CA ASP C 403 33.66 47.54 28.95
C ASP C 403 32.67 46.40 28.93
N SER C 404 31.41 46.69 29.21
CA SER C 404 30.37 45.67 29.32
C SER C 404 29.75 45.28 27.99
N ALA C 405 29.98 46.07 26.93
CA ALA C 405 29.28 45.88 25.67
C ALA C 405 29.40 44.47 25.14
N ILE C 406 30.52 43.81 25.39
CA ILE C 406 30.76 42.51 24.78
C ILE C 406 30.11 41.39 25.59
N ASP C 407 29.98 41.57 26.91
CA ASP C 407 29.22 40.61 27.71
C ASP C 407 27.75 40.62 27.32
N ARG C 408 27.20 41.81 27.06
CA ARG C 408 25.78 41.90 26.74
C ARG C 408 25.48 41.35 25.36
N ILE C 409 26.43 41.45 24.43
CA ILE C 409 26.33 40.73 23.16
C ILE C 409 26.11 39.23 23.41
N PHE C 410 26.86 38.64 24.34
CA PHE C 410 26.87 37.19 24.50
C PHE C 410 25.71 36.65 25.30
N THR C 411 24.88 37.51 25.88
CA THR C 411 23.65 37.09 26.53
C THR C 411 22.42 37.43 25.68
N LEU C 412 22.63 37.76 24.40
CA LEU C 412 21.54 38.21 23.54
C LEU C 412 20.66 37.05 23.08
N GLY C 413 21.25 35.86 22.87
CA GLY C 413 20.48 34.70 22.52
C GLY C 413 19.93 33.92 23.69
N ASN C 414 20.17 34.41 24.91
CA ASN C 414 19.81 33.71 26.13
C ASN C 414 18.53 34.33 26.70
N SER C 415 17.49 33.50 26.83
CA SER C 415 16.18 33.97 27.27
C SER C 415 16.15 34.38 28.74
N GLU C 416 17.17 34.04 29.52
CA GLU C 416 17.22 34.41 30.92
C GLU C 416 17.86 35.78 31.16
N PHE C 417 18.32 36.44 30.11
CA PHE C 417 18.96 37.76 30.21
C PHE C 417 18.31 38.72 29.24
N PRO C 418 17.06 39.13 29.52
CA PRO C 418 16.43 40.15 28.69
C PRO C 418 17.24 41.44 28.72
N VAL C 419 17.26 42.13 27.58
CA VAL C 419 17.83 43.46 27.55
C VAL C 419 17.03 44.38 28.47
N SER C 420 15.72 44.42 28.28
CA SER C 420 14.80 45.06 29.21
C SER C 420 13.44 44.42 29.03
N TRP C 421 12.58 44.62 30.05
CA TRP C 421 11.21 44.15 29.94
C TRP C 421 10.50 44.80 28.75
N ASP C 422 10.80 46.06 28.47
CA ASP C 422 10.20 46.72 27.32
C ASP C 422 10.63 46.08 26.01
N ASN C 423 11.91 45.68 25.92
CA ASN C 423 12.40 45.06 24.70
C ASN C 423 11.69 43.73 24.44
N GLU C 424 11.46 42.96 25.50
CA GLU C 424 10.82 41.66 25.35
C GLU C 424 9.36 41.82 24.93
N VAL C 425 8.65 42.78 25.52
CA VAL C 425 7.26 43.03 25.13
C VAL C 425 7.17 43.41 23.65
N LYS C 426 8.12 44.20 23.17
CA LYS C 426 8.04 44.65 21.78
C LYS C 426 8.32 43.51 20.81
N LEU C 427 9.23 42.59 21.16
CA LEU C 427 9.59 41.56 20.20
C LEU C 427 8.55 40.44 20.16
N TRP C 428 8.00 40.05 21.32
CA TRP C 428 6.94 39.05 21.32
C TRP C 428 5.67 39.58 20.68
N THR C 429 5.39 40.88 20.83
CA THR C 429 4.30 41.50 20.09
C THR C 429 4.56 41.43 18.59
N PHE C 430 5.78 41.78 18.16
CA PHE C 430 6.09 41.71 16.74
C PHE C 430 5.95 40.30 16.21
N LEU C 431 6.43 39.31 16.97
CA LEU C 431 6.40 37.93 16.49
C LEU C 431 4.99 37.40 16.38
N GLU C 432 4.13 37.74 17.36
CA GLU C 432 2.76 37.28 17.29
C GLU C 432 2.05 37.84 16.06
N ASP C 433 2.23 39.14 15.78
CA ASP C 433 1.59 39.73 14.62
C ASP C 433 2.12 39.14 13.32
N ARG C 434 3.42 38.84 13.27
CA ARG C 434 3.96 38.29 12.04
C ARG C 434 3.46 36.87 11.81
N ALA C 435 3.37 36.08 12.88
CA ALA C 435 2.88 34.71 12.72
C ALA C 435 1.39 34.70 12.38
N SER C 436 0.61 35.58 13.01
CA SER C 436 -0.79 35.74 12.65
C SER C 436 -0.94 36.20 11.20
N LEU C 437 -0.04 37.05 10.74
CA LEU C 437 -0.10 37.53 9.36
C LEU C 437 0.27 36.44 8.38
N LEU C 438 1.31 35.66 8.68
CA LEU C 438 1.69 34.58 7.78
C LEU C 438 0.56 33.56 7.63
N LEU C 439 -0.20 33.33 8.72
CA LEU C 439 -1.36 32.45 8.62
C LEU C 439 -2.35 32.96 7.58
N LYS C 440 -2.53 34.28 7.51
CA LYS C 440 -3.48 34.87 6.57
C LYS C 440 -3.02 34.75 5.12
N THR C 441 -1.80 34.28 4.86
CA THR C 441 -1.32 34.13 3.50
C THR C 441 -1.63 32.76 2.89
N TYR C 442 -2.19 31.83 3.65
CA TYR C 442 -2.53 30.51 3.14
C TYR C 442 -3.96 30.50 2.61
N LYS C 443 -4.18 29.81 1.50
CA LYS C 443 -5.50 29.83 0.88
C LYS C 443 -6.52 28.95 1.60
N THR C 444 -6.10 28.12 2.56
CA THR C 444 -7.01 27.41 3.43
C THR C 444 -6.60 27.64 4.87
N THR C 445 -7.57 27.49 5.78
CA THR C 445 -7.30 27.57 7.20
C THR C 445 -6.99 26.18 7.78
N ILE C 446 -6.65 26.15 9.07
CA ILE C 446 -6.39 24.88 9.74
C ILE C 446 -7.65 24.03 9.80
N GLU C 447 -8.79 24.65 10.14
CA GLU C 447 -10.04 23.87 10.27
C GLU C 447 -10.44 23.26 8.94
N GLU C 448 -10.27 24.00 7.84
CA GLU C 448 -10.60 23.45 6.52
C GLU C 448 -9.68 22.29 6.15
N ASP C 449 -8.43 22.30 6.61
CA ASP C 449 -7.53 21.21 6.29
C ASP C 449 -7.90 19.94 7.07
N LYS C 450 -8.19 20.07 8.36
CA LYS C 450 -8.67 18.93 9.14
C LYS C 450 -9.97 18.40 8.54
N SER C 451 -10.84 19.28 8.08
CA SER C 451 -12.08 18.85 7.45
C SER C 451 -11.81 18.09 6.16
N VAL C 452 -10.82 18.52 5.39
CA VAL C 452 -10.50 17.84 4.15
C VAL C 452 -9.94 16.44 4.43
N LEU C 453 -9.07 16.32 5.43
CA LEU C 453 -8.45 15.02 5.74
C LEU C 453 -9.48 14.02 6.25
N LYS C 454 -10.51 14.50 6.94
CA LYS C 454 -11.53 13.69 7.58
C LYS C 454 -12.65 13.30 6.62
N ASN C 455 -13.02 14.19 5.70
CA ASN C 455 -14.19 14.00 4.87
C ASN C 455 -13.89 13.57 3.44
N HIS C 456 -12.68 13.79 2.94
CA HIS C 456 -12.27 13.29 1.64
C HIS C 456 -11.52 11.96 1.81
N ASP C 457 -11.56 11.14 0.76
CA ASP C 457 -10.82 9.88 0.72
C ASP C 457 -9.67 10.05 -0.25
N LEU C 458 -8.47 10.24 0.29
CA LEU C 458 -7.32 10.70 -0.47
C LEU C 458 -6.28 9.60 -0.64
N SER C 459 -5.47 9.76 -1.68
CA SER C 459 -4.33 8.87 -1.90
C SER C 459 -3.24 9.18 -0.88
N VAL C 460 -2.18 8.36 -0.91
CA VAL C 460 -1.09 8.55 0.04
C VAL C 460 -0.31 9.82 -0.28
N ARG C 461 0.02 10.03 -1.56
CA ARG C 461 0.70 11.25 -1.96
C ARG C 461 -0.13 12.48 -1.64
N ALA C 462 -1.45 12.38 -1.82
CA ALA C 462 -2.31 13.51 -1.51
C ALA C 462 -2.31 13.82 -0.02
N LYS C 463 -2.41 12.80 0.83
CA LYS C 463 -2.37 13.04 2.27
C LYS C 463 -1.08 13.71 2.69
N MET C 464 0.02 13.37 2.02
CA MET C 464 1.30 14.01 2.33
C MET C 464 1.22 15.51 2.09
N ALA C 465 0.71 15.91 0.92
CA ALA C 465 0.64 17.33 0.56
C ALA C 465 -0.26 18.09 1.54
N ILE C 466 -1.46 17.56 1.79
CA ILE C 466 -2.40 18.25 2.65
C ILE C 466 -1.89 18.31 4.08
N LYS C 467 -1.32 17.21 4.57
CA LYS C 467 -0.75 17.23 5.92
C LYS C 467 0.40 18.22 6.00
N LEU C 468 1.19 18.32 4.94
CA LEU C 468 2.33 19.23 4.94
C LEU C 468 1.87 20.67 5.13
N ARG C 469 0.85 21.09 4.39
CA ARG C 469 0.39 22.47 4.50
C ARG C 469 -0.32 22.70 5.83
N LEU C 470 -1.01 21.69 6.36
CA LEU C 470 -1.59 21.80 7.69
C LEU C 470 -0.51 22.04 8.74
N GLY C 471 0.60 21.31 8.62
CA GLY C 471 1.64 21.41 9.62
C GLY C 471 2.36 22.75 9.62
N GLU C 472 2.53 23.34 8.43
CA GLU C 472 3.08 24.69 8.34
C GLU C 472 2.22 25.70 9.09
N LYS C 473 0.90 25.63 8.89
CA LYS C 473 0.00 26.52 9.62
C LYS C 473 0.01 26.23 11.11
N GLU C 474 0.11 24.96 11.48
CA GLU C 474 0.06 24.61 12.91
C GLU C 474 1.28 25.13 13.66
N ILE C 475 2.44 25.21 13.00
CA ILE C 475 3.63 25.74 13.66
C ILE C 475 3.48 27.23 13.91
N LEU C 476 2.96 27.96 12.91
CA LEU C 476 2.68 29.39 13.08
C LEU C 476 1.71 29.63 14.23
N GLU C 477 0.66 28.82 14.33
CA GLU C 477 -0.31 29.02 15.40
C GLU C 477 0.31 28.77 16.78
N LYS C 478 1.22 27.81 16.87
CA LYS C 478 1.90 27.58 18.14
C LYS C 478 2.90 28.68 18.46
N ALA C 479 3.49 29.31 17.44
CA ALA C 479 4.30 30.50 17.67
C ALA C 479 3.45 31.64 18.21
N VAL C 480 2.23 31.82 17.67
CA VAL C 480 1.32 32.85 18.18
C VAL C 480 1.03 32.61 19.66
N LYS C 481 0.66 31.38 20.02
CA LYS C 481 0.30 31.08 21.39
C LYS C 481 1.50 31.25 22.32
N SER C 482 2.68 30.83 21.87
CA SER C 482 3.88 30.98 22.68
C SER C 482 4.26 32.45 22.83
N ALA C 483 4.21 33.21 21.73
CA ALA C 483 4.57 34.63 21.78
C ALA C 483 3.65 35.40 22.72
N ALA C 484 2.33 35.25 22.52
CA ALA C 484 1.37 35.97 23.34
C ALA C 484 1.58 35.73 24.83
N VAL C 485 2.02 34.54 25.20
CA VAL C 485 2.18 34.20 26.61
C VAL C 485 3.50 34.74 27.15
N ASN C 486 4.51 34.90 26.30
CA ASN C 486 5.74 35.57 26.72
C ASN C 486 5.49 37.06 26.89
N ARG C 487 4.73 37.65 25.97
CA ARG C 487 4.40 39.08 26.06
C ARG C 487 3.76 39.42 27.39
N GLU C 488 2.71 38.68 27.78
CA GLU C 488 2.04 38.94 29.05
C GLU C 488 2.98 38.73 30.23
N TYR C 489 3.89 37.75 30.13
CA TYR C 489 4.81 37.49 31.24
C TYR C 489 5.62 38.73 31.58
N TYR C 490 5.97 39.54 30.58
CA TYR C 490 6.82 40.71 30.77
C TYR C 490 6.02 42.02 30.78
N ARG C 491 4.71 41.96 30.98
CA ARG C 491 3.95 43.21 31.12
C ARG C 491 4.25 43.84 32.47
N GLN C 492 4.34 45.17 32.47
CA GLN C 492 4.75 45.94 33.64
C GLN C 492 3.53 46.51 34.36
N GLN C 493 3.51 46.36 35.69
CA GLN C 493 2.53 47.02 36.55
C GLN C 493 3.08 47.13 37.97
N LEU D 8 29.50 9.09 19.69
CA LEU D 8 29.35 8.88 18.25
C LEU D 8 30.15 9.90 17.46
N LYS D 9 31.37 9.54 17.06
CA LYS D 9 32.21 10.50 16.34
C LYS D 9 31.60 10.86 15.00
N TYR D 10 31.10 9.86 14.26
CA TYR D 10 30.59 10.04 12.91
C TYR D 10 29.13 9.62 12.87
N PRO D 11 28.22 10.46 13.36
CA PRO D 11 26.79 10.13 13.23
C PRO D 11 26.41 10.01 11.77
N ILE D 12 25.60 9.00 11.47
CA ILE D 12 25.10 8.74 10.13
C ILE D 12 23.62 9.09 10.11
N GLU D 13 23.26 10.08 9.29
CA GLU D 13 21.86 10.44 9.06
C GLU D 13 21.36 9.74 7.80
N HIS D 14 20.28 9.00 7.93
CA HIS D 14 19.69 8.31 6.79
C HIS D 14 18.96 9.32 5.92
N GLY D 15 19.44 9.49 4.70
CA GLY D 15 18.89 10.49 3.81
C GLY D 15 19.17 11.91 4.27
N ILE D 16 20.45 12.24 4.51
CA ILE D 16 20.82 13.63 4.74
C ILE D 16 20.35 14.43 3.54
N ILE D 17 19.92 15.66 3.81
CA ILE D 17 19.56 16.57 2.74
C ILE D 17 20.83 17.06 2.05
N THR D 18 20.84 16.98 0.73
CA THR D 18 21.91 17.60 -0.04
C THR D 18 21.30 18.68 -0.94
N ASN D 19 22.18 19.44 -1.58
CA ASN D 19 21.74 20.44 -2.54
C ASN D 19 21.72 19.81 -3.92
N TRP D 20 20.56 19.85 -4.58
CA TRP D 20 20.39 19.31 -5.92
C TRP D 20 20.37 20.38 -7.00
N ASP D 21 20.54 21.65 -6.64
CA ASP D 21 20.58 22.72 -7.64
C ASP D 21 21.97 22.73 -8.28
N ASP D 22 22.06 22.19 -9.48
CA ASP D 22 23.30 22.20 -10.26
C ASP D 22 23.60 23.61 -10.74
#